data_5AZA
#
_entry.id   5AZA
#
_cell.length_a   66.468
_cell.length_b   100.467
_cell.length_c   140.920
_cell.angle_alpha   90.00
_cell.angle_beta   90.00
_cell.angle_gamma   90.00
#
_symmetry.space_group_name_H-M   'P 21 21 21'
#
loop_
_entity.id
_entity.type
_entity.pdbx_description
1 polymer 'Maltose-binding periplasmic protein,Oligosaccharyl transferase stt3 subunit related protein'
2 branched alpha-D-glucopyranose-(1-4)-alpha-D-glucopyranose
3 non-polymer 'CALCIUM ION'
4 water water
#
_entity_poly.entity_id   1
_entity_poly.type   'polypeptide(L)'
_entity_poly.pdbx_seq_one_letter_code
;MKIEEGKLVIWINGDKGYNGLAEVGKKFEKDTGIKVTVEHPDKLEEKFPQVAATGDGPDIIFWAHDRFGGYAQSGLLAEI
TPDKAFQDKLYPFTWDAVRYNGKLIAYPIAVEALSLIYNKDLLPNPPKTWEEIPALDKELKAKGKSALMFNLQEPYFTWP
LIAADGGYAFKYENGKYDIKDVGVDNAGAKAGLTFLVDLIKNKHMNADTDYSIAEAAFNKGETAMTINGPWAWSNIDTSK
VNYGVTVLPTFKGQPSKPFVGVLSAGINAASPNKELAKEFLENYLLTDEGLEAVNKDKPLGAVALKSYEEELVKDPRIAA
TMENAQKGEIMPNIPQMSAFWYAVRTAVINAASGRQTVDEALKDAQTRIAAAKAEAAAKAEAAAKAAAAWEDALKWLREN
TPEYSTATSWWDYGYWIESSLLGQRRASADGGHARDRDHILALFLARDGNISEVDFESWELNYFLVYLNDWAKFNAISYL
GGAITRREYNGDESGRGAVTTLLPLPRYGEKYVNLYAKVIVDVSNSSVKVTVGDRECDPLMVTFTPSGKTIKGTGTCSDG
NAFPYVLHLTPTIGVLAYYKVATANFIKLAFGVPASTIPGFSDKLFSNFEPVYESGNVIVYRFTPFGIYKIEENINGTWK
QVYNLTPGKHELKLYISAFGRDIENATLYIYAINNEKIIEKIKIAEISHMDYLNEYPIAVNVTLPNATSYRFVLVQKGPI
GVLLDAPKVNGEIRSPTNILREGESGEIELKVGVDKDYTADLYLRATFIYLVRKSGKDNEDYDAAFEPQMDVFFITKIGE
NIQLKEGENTVKVRAELPEGVISSYKDELQRKYGDKLIIRGIRVEPVFIAEKEYLMLEVSASAPHHHHHHHH
;
_entity_poly.pdbx_strand_id   A
#
# COMPACT_ATOMS: atom_id res chain seq x y z
N LYS A 2 3.75 1.65 -17.58
CA LYS A 2 4.27 1.88 -16.19
C LYS A 2 4.06 3.30 -15.68
N ILE A 3 3.84 3.44 -14.38
CA ILE A 3 3.54 4.73 -13.75
C ILE A 3 4.71 5.69 -13.88
N GLU A 4 4.43 6.95 -14.19
CA GLU A 4 5.49 7.94 -14.27
C GLU A 4 4.95 9.27 -13.80
N GLU A 5 5.81 10.03 -13.14
CA GLU A 5 5.43 11.37 -12.72
C GLU A 5 5.10 12.22 -13.97
N GLY A 6 3.99 12.93 -13.92
CA GLY A 6 3.60 13.81 -14.98
C GLY A 6 2.74 13.18 -16.03
N LYS A 7 2.36 11.90 -15.85
CA LYS A 7 1.34 11.31 -16.74
C LYS A 7 0.43 10.31 -15.98
N LEU A 8 -0.64 9.84 -16.62
CA LEU A 8 -1.62 8.95 -15.95
C LEU A 8 -1.81 7.66 -16.69
N VAL A 9 -1.81 6.57 -15.93
CA VAL A 9 -2.18 5.27 -16.42
C VAL A 9 -3.49 4.81 -15.75
N ILE A 10 -4.40 4.31 -16.58
CA ILE A 10 -5.70 3.91 -16.08
C ILE A 10 -6.07 2.52 -16.51
N TRP A 11 -6.59 1.72 -15.56
CA TRP A 11 -7.06 0.36 -15.85
C TRP A 11 -8.56 0.27 -15.71
N ILE A 12 -9.20 -0.33 -16.70
CA ILE A 12 -10.58 -0.63 -16.61
C ILE A 12 -10.86 -1.96 -17.27
N ASN A 13 -11.95 -2.58 -16.92
CA ASN A 13 -12.26 -3.86 -17.52
C ASN A 13 -12.66 -3.79 -19.02
N GLY A 14 -12.39 -4.89 -19.73
CA GLY A 14 -12.49 -4.96 -21.13
C GLY A 14 -13.91 -5.03 -21.63
N ASP A 15 -14.85 -5.18 -20.70
CA ASP A 15 -16.26 -5.10 -21.05
C ASP A 15 -16.85 -3.66 -20.93
N LYS A 16 -16.07 -2.70 -20.46
CA LYS A 16 -16.52 -1.32 -20.28
C LYS A 16 -15.98 -0.45 -21.40
N GLY A 17 -16.35 0.83 -21.33
CA GLY A 17 -16.12 1.73 -22.44
C GLY A 17 -14.74 2.33 -22.45
N TYR A 18 -13.73 1.49 -22.63
CA TYR A 18 -12.37 2.00 -22.53
C TYR A 18 -11.98 2.97 -23.61
N ASN A 19 -12.47 2.80 -24.86
CA ASN A 19 -12.20 3.77 -25.93
C ASN A 19 -12.82 5.12 -25.70
N GLY A 20 -14.04 5.17 -25.14
CA GLY A 20 -14.60 6.45 -24.76
C GLY A 20 -13.83 7.08 -23.63
N LEU A 21 -13.42 6.26 -22.63
CA LEU A 21 -12.60 6.81 -21.54
C LEU A 21 -11.29 7.45 -22.10
N ALA A 22 -10.69 6.80 -23.12
CA ALA A 22 -9.45 7.30 -23.78
C ALA A 22 -9.66 8.62 -24.48
N GLU A 23 -10.87 8.83 -25.02
CA GLU A 23 -11.24 10.13 -25.59
C GLU A 23 -11.32 11.16 -24.46
N VAL A 24 -11.84 10.80 -23.31
CA VAL A 24 -11.75 11.76 -22.20
C VAL A 24 -10.30 12.13 -21.88
N GLY A 25 -9.43 11.14 -21.91
CA GLY A 25 -8.03 11.30 -21.63
C GLY A 25 -7.33 12.20 -22.65
N LYS A 26 -7.75 12.10 -23.91
CA LYS A 26 -7.26 13.03 -24.99
C LYS A 26 -7.64 14.51 -24.72
N LYS A 27 -8.88 14.74 -24.31
CA LYS A 27 -9.29 16.07 -23.91
C LYS A 27 -8.45 16.58 -22.73
N PHE A 28 -8.24 15.73 -21.72
CA PHE A 28 -7.35 16.07 -20.62
C PHE A 28 -5.98 16.52 -21.09
N GLU A 29 -5.36 15.70 -21.91
CA GLU A 29 -4.00 15.97 -22.41
C GLU A 29 -4.00 17.26 -23.23
N LYS A 30 -5.07 17.47 -24.00
CA LYS A 30 -5.18 18.67 -24.81
C LYS A 30 -5.22 19.93 -23.92
N ASP A 31 -5.82 19.86 -22.74
CA ASP A 31 -5.96 21.08 -21.92
C ASP A 31 -4.83 21.27 -20.95
N THR A 32 -4.05 20.23 -20.77
CA THR A 32 -3.34 20.06 -19.56
C THR A 32 -1.91 19.65 -19.82
N GLY A 33 -1.63 19.07 -20.99
CA GLY A 33 -0.30 18.48 -21.29
C GLY A 33 -0.02 17.08 -20.72
N ILE A 34 -0.95 16.51 -19.97
CA ILE A 34 -0.71 15.26 -19.28
C ILE A 34 -1.33 14.15 -20.08
N LYS A 35 -0.49 13.23 -20.49
CA LYS A 35 -0.89 12.11 -21.29
C LYS A 35 -1.60 11.09 -20.41
N VAL A 36 -2.67 10.52 -20.94
CA VAL A 36 -3.43 9.52 -20.23
C VAL A 36 -3.45 8.27 -21.08
N THR A 37 -3.06 7.16 -20.47
CA THR A 37 -3.14 5.85 -21.12
C THR A 37 -4.15 5.00 -20.43
N VAL A 38 -5.11 4.51 -21.22
CA VAL A 38 -6.08 3.52 -20.78
C VAL A 38 -5.76 2.11 -21.24
N GLU A 39 -5.75 1.19 -20.28
CA GLU A 39 -5.56 -0.23 -20.51
C GLU A 39 -6.67 -1.08 -19.90
N HIS A 40 -6.86 -2.28 -20.44
CA HIS A 40 -7.84 -3.26 -19.97
C HIS A 40 -7.23 -4.65 -19.77
N PRO A 41 -6.28 -4.75 -18.82
CA PRO A 41 -5.66 -6.04 -18.66
C PRO A 41 -6.65 -7.10 -18.25
N ASP A 42 -6.31 -8.34 -18.57
CA ASP A 42 -7.02 -9.51 -18.10
C ASP A 42 -6.96 -9.64 -16.61
N LYS A 43 -8.04 -10.02 -15.96
CA LYS A 43 -8.00 -10.37 -14.53
C LYS A 43 -7.46 -9.24 -13.73
N LEU A 44 -7.91 -8.06 -14.10
CA LEU A 44 -7.33 -6.87 -13.56
C LEU A 44 -7.59 -6.76 -12.07
N GLU A 45 -8.72 -7.26 -11.61
CA GLU A 45 -9.11 -7.17 -10.23
C GLU A 45 -8.18 -8.08 -9.31
N GLU A 46 -7.59 -9.10 -9.89
CA GLU A 46 -6.57 -9.94 -9.27
C GLU A 46 -5.17 -9.44 -9.46
N LYS A 47 -4.91 -8.80 -10.61
CA LYS A 47 -3.62 -8.27 -10.88
C LYS A 47 -3.33 -7.06 -10.02
N PHE A 48 -4.33 -6.19 -9.86
CA PHE A 48 -4.12 -4.99 -9.08
C PHE A 48 -3.46 -5.20 -7.70
N PRO A 49 -4.04 -6.01 -6.80
CA PRO A 49 -3.40 -6.11 -5.51
C PRO A 49 -2.03 -6.74 -5.56
N GLN A 50 -1.77 -7.59 -6.52
CA GLN A 50 -0.41 -8.11 -6.68
C GLN A 50 0.63 -7.06 -7.00
N VAL A 51 0.38 -6.27 -8.06
CA VAL A 51 1.35 -5.29 -8.50
C VAL A 51 1.34 -4.06 -7.65
N ALA A 52 0.18 -3.67 -7.12
CA ALA A 52 0.17 -2.48 -6.34
C ALA A 52 0.91 -2.75 -5.01
N ALA A 53 0.98 -4.00 -4.57
CA ALA A 53 1.68 -4.27 -3.29
C ALA A 53 3.19 -3.95 -3.39
N THR A 54 3.81 -4.12 -4.56
CA THR A 54 5.19 -3.69 -4.80
C THR A 54 4.72 -2.29 -5.12
N GLY A 55 5.42 -1.34 -5.60
CA GLY A 55 4.54 -0.12 -5.76
C GLY A 55 4.24 0.10 -7.24
N ASP A 56 3.71 -0.91 -7.90
CA ASP A 56 3.44 -0.79 -9.34
C ASP A 56 1.91 -0.68 -9.59
N GLY A 57 1.45 -0.99 -10.81
CA GLY A 57 0.06 -0.82 -11.18
C GLY A 57 -0.24 0.51 -11.80
N PRO A 58 -1.52 0.79 -12.02
CA PRO A 58 -1.88 2.02 -12.69
C PRO A 58 -2.02 3.16 -11.70
N ASP A 59 -2.21 4.40 -12.16
CA ASP A 59 -2.53 5.46 -11.24
C ASP A 59 -3.96 5.33 -10.77
N ILE A 60 -4.85 4.85 -11.63
CA ILE A 60 -6.27 4.84 -11.38
C ILE A 60 -6.79 3.47 -11.80
N ILE A 61 -7.58 2.88 -10.94
CA ILE A 61 -8.22 1.63 -11.22
C ILE A 61 -9.75 1.72 -11.14
N PHE A 62 -10.45 1.13 -12.14
CA PHE A 62 -11.87 1.11 -12.21
C PHE A 62 -12.28 -0.33 -11.91
N TRP A 63 -13.18 -0.48 -10.95
CA TRP A 63 -13.82 -1.78 -10.74
C TRP A 63 -15.12 -1.51 -9.98
N ALA A 64 -16.03 -2.48 -9.96
CA ALA A 64 -17.15 -2.41 -9.03
C ALA A 64 -16.65 -2.27 -7.58
N HIS A 65 -17.38 -1.52 -6.76
CA HIS A 65 -16.97 -1.19 -5.40
C HIS A 65 -16.66 -2.38 -4.45
N ASP A 66 -17.05 -3.58 -4.80
CA ASP A 66 -16.96 -4.68 -3.86
C ASP A 66 -15.52 -5.10 -3.54
N ARG A 67 -14.62 -4.90 -4.47
CA ARG A 67 -13.22 -5.22 -4.26
C ARG A 67 -12.38 -4.20 -3.49
N PHE A 68 -12.90 -2.98 -3.36
CA PHE A 68 -12.08 -1.84 -2.97
C PHE A 68 -11.77 -1.83 -1.49
N GLY A 69 -12.66 -2.42 -0.70
CA GLY A 69 -12.39 -2.52 0.76
C GLY A 69 -11.10 -3.31 1.02
N GLY A 70 -10.97 -4.46 0.39
CA GLY A 70 -9.76 -5.28 0.54
C GLY A 70 -8.54 -4.49 0.06
N TYR A 71 -8.68 -3.76 -1.04
CA TYR A 71 -7.56 -2.98 -1.50
C TYR A 71 -7.21 -1.93 -0.43
N ALA A 72 -8.23 -1.22 0.05
CA ALA A 72 -7.98 -0.20 1.03
C ALA A 72 -7.33 -0.79 2.27
N GLN A 73 -7.82 -1.92 2.76
CA GLN A 73 -7.32 -2.51 4.00
C GLN A 73 -5.86 -2.87 3.76
N SER A 74 -5.50 -3.21 2.53
CA SER A 74 -4.14 -3.53 2.26
C SER A 74 -3.25 -2.34 2.04
N GLY A 75 -3.75 -1.11 2.19
CA GLY A 75 -2.96 0.09 1.91
C GLY A 75 -2.74 0.39 0.44
N LEU A 76 -3.58 -0.11 -0.45
CA LEU A 76 -3.34 0.09 -1.90
C LEU A 76 -3.99 1.30 -2.52
N LEU A 77 -4.76 2.01 -1.73
CA LEU A 77 -5.64 3.07 -2.21
C LEU A 77 -5.47 4.33 -1.40
N ALA A 78 -5.46 5.46 -2.05
CA ALA A 78 -5.34 6.72 -1.33
C ALA A 78 -6.76 7.11 -0.94
N GLU A 79 -6.91 7.79 0.20
CA GLU A 79 -8.16 8.40 0.54
C GLU A 79 -8.40 9.50 -0.45
N ILE A 80 -9.62 9.67 -0.92
CA ILE A 80 -9.86 10.71 -1.91
C ILE A 80 -10.41 11.92 -1.09
N THR A 81 -10.34 13.14 -1.63
CA THR A 81 -10.69 14.37 -0.88
C THR A 81 -11.54 15.33 -1.70
N PRO A 82 -12.72 14.87 -2.18
CA PRO A 82 -13.65 15.72 -2.87
C PRO A 82 -14.23 16.66 -1.89
N ASP A 83 -14.41 17.95 -2.22
CA ASP A 83 -15.14 18.83 -1.28
C ASP A 83 -16.66 18.61 -1.27
N LYS A 84 -17.37 19.19 -0.29
CA LYS A 84 -18.79 18.98 -0.16
C LYS A 84 -19.45 19.39 -1.41
N ALA A 85 -18.98 20.45 -2.04
CA ALA A 85 -19.65 20.95 -3.29
C ALA A 85 -19.59 19.87 -4.40
N PHE A 86 -18.44 19.20 -4.53
CA PHE A 86 -18.35 18.12 -5.49
C PHE A 86 -19.22 16.90 -5.06
N GLN A 87 -19.21 16.52 -3.78
CA GLN A 87 -20.04 15.38 -3.32
C GLN A 87 -21.50 15.55 -3.64
N ASP A 88 -21.96 16.78 -3.50
CA ASP A 88 -23.36 17.16 -3.75
C ASP A 88 -23.79 16.95 -5.20
N LYS A 89 -22.85 16.91 -6.13
CA LYS A 89 -23.15 16.67 -7.56
C LYS A 89 -23.57 15.24 -7.87
N LEU A 90 -23.21 14.34 -6.97
CA LEU A 90 -23.49 12.94 -7.16
C LEU A 90 -24.62 12.53 -6.23
N TYR A 91 -25.39 11.53 -6.66
CA TYR A 91 -26.40 10.91 -5.81
C TYR A 91 -25.78 10.48 -4.46
N PRO A 92 -26.39 10.94 -3.37
CA PRO A 92 -25.83 10.86 -2.05
C PRO A 92 -25.52 9.47 -1.59
N PHE A 93 -26.33 8.49 -1.94
CA PHE A 93 -26.07 7.14 -1.49
C PHE A 93 -25.11 6.31 -2.32
N THR A 94 -24.76 6.76 -3.52
CA THR A 94 -23.60 6.19 -4.22
C THR A 94 -22.29 6.32 -3.43
N TRP A 95 -22.11 7.41 -2.67
CA TRP A 95 -20.93 7.55 -1.81
C TRP A 95 -20.81 6.47 -0.77
N ASP A 96 -21.91 5.90 -0.32
CA ASP A 96 -21.83 4.84 0.68
C ASP A 96 -21.11 3.59 0.10
N ALA A 97 -21.18 3.36 -1.19
CA ALA A 97 -20.55 2.18 -1.77
C ALA A 97 -18.98 2.25 -1.72
N VAL A 98 -18.46 3.47 -1.67
CA VAL A 98 -17.06 3.73 -1.74
C VAL A 98 -16.51 4.24 -0.40
N ARG A 99 -17.30 4.13 0.66
N ARG A 99 -17.27 4.04 0.65
CA ARG A 99 -16.84 4.51 1.99
CA ARG A 99 -16.88 4.43 1.98
C ARG A 99 -16.45 3.22 2.72
C ARG A 99 -16.44 3.19 2.70
N TYR A 100 -15.27 3.22 3.31
CA TYR A 100 -14.76 2.09 4.05
C TYR A 100 -14.16 2.53 5.38
N ASN A 101 -14.63 1.92 6.47
CA ASN A 101 -14.29 2.37 7.81
C ASN A 101 -14.37 3.86 7.90
N GLY A 102 -15.43 4.46 7.42
CA GLY A 102 -15.58 5.88 7.55
C GLY A 102 -14.95 6.73 6.48
N LYS A 103 -14.01 6.22 5.67
CA LYS A 103 -13.30 7.07 4.68
C LYS A 103 -13.70 6.82 3.23
N LEU A 104 -13.66 7.85 2.39
CA LEU A 104 -13.98 7.73 0.99
C LEU A 104 -12.73 7.20 0.28
N ILE A 105 -12.84 6.05 -0.37
CA ILE A 105 -11.67 5.41 -1.03
C ILE A 105 -11.75 5.31 -2.56
N ALA A 106 -12.81 5.89 -3.13
CA ALA A 106 -12.97 5.85 -4.57
C ALA A 106 -14.07 6.77 -4.95
N TYR A 107 -14.10 7.17 -6.22
CA TYR A 107 -15.21 7.91 -6.80
C TYR A 107 -16.28 6.95 -7.40
N PRO A 108 -17.57 7.12 -7.07
CA PRO A 108 -18.62 6.36 -7.73
C PRO A 108 -18.92 6.96 -9.11
N ILE A 109 -19.04 6.09 -10.09
CA ILE A 109 -19.27 6.45 -11.47
C ILE A 109 -20.70 6.03 -11.90
N ALA A 110 -21.11 4.78 -11.64
CA ALA A 110 -22.43 4.27 -12.08
C ALA A 110 -22.87 3.03 -11.35
N VAL A 111 -24.18 2.86 -11.24
CA VAL A 111 -24.81 1.74 -10.59
C VAL A 111 -25.23 0.76 -11.69
N GLU A 112 -24.77 -0.48 -11.53
CA GLU A 112 -24.99 -1.51 -12.48
C GLU A 112 -25.84 -2.60 -11.86
N ALA A 113 -26.72 -3.21 -12.68
CA ALA A 113 -27.41 -4.48 -12.32
C ALA A 113 -27.69 -5.23 -13.58
N LEU A 114 -27.75 -6.55 -13.48
CA LEU A 114 -28.15 -7.37 -14.59
C LEU A 114 -29.63 -7.27 -14.88
N SER A 115 -29.93 -7.37 -16.17
CA SER A 115 -31.31 -7.57 -16.63
C SER A 115 -31.49 -8.83 -17.52
N LEU A 116 -32.73 -9.24 -17.72
CA LEU A 116 -33.06 -10.18 -18.76
C LEU A 116 -33.15 -9.45 -20.12
N ILE A 117 -32.37 -9.86 -21.10
CA ILE A 117 -32.43 -9.27 -22.43
C ILE A 117 -33.02 -10.33 -23.39
N TYR A 118 -33.97 -9.93 -24.23
CA TYR A 118 -34.75 -10.91 -25.08
C TYR A 118 -34.90 -10.44 -26.50
N ASN A 119 -34.87 -11.41 -27.43
CA ASN A 119 -34.96 -11.14 -28.85
C ASN A 119 -36.46 -11.06 -29.15
N LYS A 120 -36.94 -9.87 -29.45
CA LYS A 120 -38.38 -9.63 -29.67
C LYS A 120 -38.97 -10.30 -30.89
N ASP A 121 -38.17 -10.54 -31.91
CA ASP A 121 -38.59 -11.31 -33.09
C ASP A 121 -38.72 -12.78 -32.74
N LEU A 122 -37.86 -13.33 -31.87
CA LEU A 122 -38.05 -14.71 -31.49
C LEU A 122 -39.04 -14.89 -30.42
N LEU A 123 -39.20 -13.91 -29.55
CA LEU A 123 -39.92 -14.15 -28.33
C LEU A 123 -40.58 -12.83 -27.92
N PRO A 124 -41.71 -12.50 -28.52
CA PRO A 124 -42.36 -11.21 -28.18
C PRO A 124 -42.85 -11.19 -26.77
N ASN A 125 -43.04 -12.33 -26.15
CA ASN A 125 -43.55 -12.39 -24.83
C ASN A 125 -42.68 -13.25 -23.99
N PRO A 126 -41.58 -12.69 -23.46
CA PRO A 126 -40.64 -13.49 -22.71
C PRO A 126 -41.22 -13.99 -21.41
N PRO A 127 -40.78 -15.17 -20.95
CA PRO A 127 -41.26 -15.80 -19.74
C PRO A 127 -40.89 -14.95 -18.51
N LYS A 128 -41.79 -14.93 -17.54
CA LYS A 128 -41.59 -14.27 -16.23
C LYS A 128 -40.80 -15.14 -15.27
N THR A 129 -40.80 -16.42 -15.53
CA THR A 129 -40.46 -17.43 -14.56
C THR A 129 -39.26 -18.27 -15.11
N TRP A 130 -38.32 -18.68 -14.26
CA TRP A 130 -37.34 -19.70 -14.61
C TRP A 130 -37.98 -21.07 -14.97
N GLU A 131 -39.02 -21.45 -14.25
CA GLU A 131 -39.79 -22.68 -14.48
C GLU A 131 -40.26 -22.90 -15.90
N GLU A 132 -40.55 -21.83 -16.65
CA GLU A 132 -41.03 -21.91 -18.00
C GLU A 132 -39.92 -22.19 -18.97
N ILE A 133 -38.68 -22.13 -18.49
CA ILE A 133 -37.57 -22.15 -19.45
C ILE A 133 -37.36 -23.53 -20.17
N PRO A 134 -37.38 -24.66 -19.46
CA PRO A 134 -37.24 -25.96 -20.14
C PRO A 134 -38.24 -26.17 -21.32
N ALA A 135 -39.52 -25.96 -21.06
CA ALA A 135 -40.57 -26.16 -22.08
C ALA A 135 -40.37 -25.17 -23.22
N LEU A 136 -40.01 -23.94 -22.90
CA LEU A 136 -39.71 -22.96 -23.92
C LEU A 136 -38.51 -23.36 -24.76
N ASP A 137 -37.45 -23.78 -24.08
CA ASP A 137 -36.26 -24.22 -24.82
C ASP A 137 -36.57 -25.40 -25.80
N LYS A 138 -37.24 -26.43 -25.30
CA LYS A 138 -37.65 -27.58 -26.16
C LYS A 138 -38.38 -27.15 -27.43
N GLU A 139 -39.22 -26.14 -27.31
CA GLU A 139 -40.03 -25.66 -28.40
C GLU A 139 -39.19 -24.92 -29.41
N LEU A 140 -38.36 -23.99 -28.95
CA LEU A 140 -37.41 -23.28 -29.81
C LEU A 140 -36.35 -24.23 -30.45
N LYS A 141 -35.92 -25.26 -29.71
CA LYS A 141 -34.99 -26.28 -30.26
C LYS A 141 -35.57 -26.97 -31.55
N ALA A 142 -36.86 -27.00 -31.70
CA ALA A 142 -37.45 -27.60 -32.87
C ALA A 142 -37.24 -26.78 -34.12
N LYS A 143 -37.03 -25.45 -33.99
CA LYS A 143 -36.67 -24.59 -35.12
C LYS A 143 -35.21 -24.18 -35.11
N GLY A 144 -34.40 -24.83 -34.31
CA GLY A 144 -32.95 -24.53 -34.27
C GLY A 144 -32.50 -23.38 -33.37
N LYS A 145 -33.28 -22.98 -32.37
CA LYS A 145 -32.87 -21.89 -31.47
C LYS A 145 -32.84 -22.42 -30.04
N SER A 146 -32.19 -21.69 -29.13
CA SER A 146 -32.27 -22.02 -27.71
C SER A 146 -33.02 -20.89 -26.99
N ALA A 147 -33.54 -21.21 -25.81
CA ALA A 147 -34.27 -20.20 -25.02
C ALA A 147 -33.35 -19.14 -24.37
N LEU A 148 -32.26 -19.59 -23.76
CA LEU A 148 -31.47 -18.74 -22.87
C LEU A 148 -30.03 -19.17 -22.88
N MET A 149 -29.15 -18.23 -23.17
CA MET A 149 -27.72 -18.40 -22.92
C MET A 149 -27.17 -17.23 -22.14
N PHE A 150 -26.42 -17.54 -21.08
CA PHE A 150 -25.67 -16.53 -20.34
C PHE A 150 -24.40 -17.13 -19.71
N ASN A 151 -23.55 -16.26 -19.18
CA ASN A 151 -22.29 -16.69 -18.61
C ASN A 151 -22.49 -17.53 -17.39
N LEU A 152 -22.14 -18.81 -17.50
CA LEU A 152 -22.25 -19.72 -16.36
C LEU A 152 -20.95 -19.83 -15.60
N GLN A 153 -19.90 -19.12 -16.01
CA GLN A 153 -18.61 -19.28 -15.34
C GLN A 153 -18.48 -18.37 -14.10
N GLU A 154 -19.33 -17.35 -13.99
CA GLU A 154 -19.16 -16.37 -12.90
C GLU A 154 -20.39 -16.29 -12.07
N PRO A 155 -20.24 -16.34 -10.75
CA PRO A 155 -21.35 -16.31 -9.82
C PRO A 155 -22.11 -14.97 -9.77
N TYR A 156 -21.51 -13.89 -10.28
CA TYR A 156 -22.25 -12.67 -10.49
C TYR A 156 -23.54 -12.95 -11.26
N PHE A 157 -23.45 -13.87 -12.24
CA PHE A 157 -24.57 -14.19 -13.10
C PHE A 157 -25.47 -15.29 -12.63
N THR A 158 -24.97 -16.27 -11.87
CA THR A 158 -25.72 -17.45 -11.54
C THR A 158 -26.31 -17.40 -10.16
N TRP A 159 -25.56 -16.84 -9.22
CA TRP A 159 -26.02 -16.77 -7.84
C TRP A 159 -27.40 -16.15 -7.60
N PRO A 160 -27.82 -15.19 -8.43
CA PRO A 160 -29.15 -14.63 -8.20
C PRO A 160 -30.25 -15.70 -8.30
N LEU A 161 -30.07 -16.65 -9.21
CA LEU A 161 -30.98 -17.83 -9.27
C LEU A 161 -30.88 -18.64 -8.00
N ILE A 162 -29.67 -18.90 -7.55
CA ILE A 162 -29.45 -19.76 -6.44
C ILE A 162 -29.96 -19.23 -5.12
N ALA A 163 -29.87 -17.93 -4.97
CA ALA A 163 -30.42 -17.27 -3.81
C ALA A 163 -31.87 -16.86 -3.94
N ALA A 164 -32.51 -17.06 -5.08
CA ALA A 164 -33.87 -16.58 -5.26
C ALA A 164 -34.88 -17.13 -4.24
N ASP A 165 -34.78 -18.40 -3.88
CA ASP A 165 -35.83 -18.95 -3.05
C ASP A 165 -35.52 -18.76 -1.60
N GLY A 166 -35.91 -17.60 -1.06
CA GLY A 166 -35.36 -17.19 0.20
C GLY A 166 -33.83 -17.30 0.06
N GLY A 167 -33.17 -16.43 0.76
CA GLY A 167 -31.76 -16.33 0.65
C GLY A 167 -31.56 -14.87 0.32
N TYR A 168 -30.87 -14.20 1.21
CA TYR A 168 -30.08 -13.08 0.80
C TYR A 168 -28.64 -13.62 0.89
N ALA A 169 -27.83 -13.34 -0.11
CA ALA A 169 -26.43 -13.56 -0.05
C ALA A 169 -25.76 -12.70 1.02
N PHE A 170 -26.32 -11.52 1.29
CA PHE A 170 -25.74 -10.65 2.33
C PHE A 170 -26.70 -10.40 3.50
N LYS A 171 -26.14 -9.88 4.58
CA LYS A 171 -26.92 -9.53 5.74
C LYS A 171 -26.37 -8.23 6.26
N TYR A 172 -27.25 -7.42 6.84
CA TYR A 172 -26.86 -6.24 7.50
C TYR A 172 -26.46 -6.67 8.88
N GLU A 173 -25.22 -6.47 9.27
CA GLU A 173 -24.74 -7.30 10.40
C GLU A 173 -24.47 -6.46 11.56
N ASN A 174 -23.58 -5.49 11.42
CA ASN A 174 -23.80 -4.29 12.21
C ASN A 174 -23.00 -3.10 11.90
N GLY A 175 -23.72 -2.09 11.46
CA GLY A 175 -23.15 -0.96 10.75
C GLY A 175 -23.11 -1.11 9.25
N LYS A 176 -23.16 -2.35 8.74
CA LYS A 176 -22.65 -2.70 7.42
C LYS A 176 -23.41 -3.82 6.77
N TYR A 177 -23.44 -3.90 5.43
CA TYR A 177 -23.78 -5.18 4.79
C TYR A 177 -22.56 -6.05 4.87
N ASP A 178 -22.83 -7.33 5.06
CA ASP A 178 -21.79 -8.28 5.28
C ASP A 178 -22.25 -9.58 4.65
N ILE A 179 -21.31 -10.51 4.56
CA ILE A 179 -21.55 -11.85 4.01
C ILE A 179 -22.39 -12.73 4.94
N LYS A 180 -23.45 -13.35 4.43
CA LYS A 180 -24.26 -14.26 5.25
C LYS A 180 -23.67 -15.69 5.25
N ASP A 181 -23.36 -16.19 6.45
CA ASP A 181 -22.82 -17.57 6.63
C ASP A 181 -23.86 -18.58 7.09
N VAL A 182 -24.81 -18.15 7.91
CA VAL A 182 -25.78 -19.07 8.46
C VAL A 182 -26.84 -19.33 7.39
N GLY A 183 -26.88 -20.55 6.88
CA GLY A 183 -27.89 -20.97 5.91
C GLY A 183 -27.50 -20.68 4.46
N VAL A 184 -26.22 -20.73 4.18
CA VAL A 184 -25.74 -20.76 2.80
C VAL A 184 -26.29 -22.02 2.07
N ASP A 185 -26.12 -23.22 2.65
CA ASP A 185 -26.72 -24.46 2.07
C ASP A 185 -28.13 -24.85 2.57
N ASN A 186 -29.00 -23.87 2.73
CA ASN A 186 -30.41 -24.14 3.03
C ASN A 186 -31.15 -24.77 1.85
N ALA A 187 -32.39 -25.14 2.10
CA ALA A 187 -33.22 -25.78 1.09
C ALA A 187 -33.51 -24.87 -0.13
N GLY A 188 -33.56 -23.56 0.07
CA GLY A 188 -33.78 -22.61 -1.03
C GLY A 188 -32.58 -22.58 -1.96
N ALA A 189 -31.38 -22.54 -1.40
CA ALA A 189 -30.15 -22.52 -2.21
C ALA A 189 -30.01 -23.88 -2.89
N LYS A 190 -30.34 -24.96 -2.18
CA LYS A 190 -30.25 -26.29 -2.82
C LYS A 190 -31.17 -26.37 -3.98
N ALA A 191 -32.41 -25.90 -3.84
CA ALA A 191 -33.36 -25.88 -4.95
C ALA A 191 -32.91 -25.04 -6.13
N GLY A 192 -32.33 -23.86 -5.88
CA GLY A 192 -31.85 -23.03 -6.98
C GLY A 192 -30.73 -23.70 -7.78
N LEU A 193 -29.69 -24.17 -7.08
CA LEU A 193 -28.54 -24.74 -7.76
C LEU A 193 -28.89 -26.10 -8.49
N THR A 194 -29.80 -26.88 -7.89
CA THR A 194 -30.35 -28.07 -8.53
C THR A 194 -31.10 -27.72 -9.81
N PHE A 195 -31.87 -26.62 -9.76
CA PHE A 195 -32.55 -26.16 -10.94
C PHE A 195 -31.59 -25.86 -12.08
N LEU A 196 -30.45 -25.23 -11.75
CA LEU A 196 -29.48 -24.82 -12.75
C LEU A 196 -28.79 -26.06 -13.27
N VAL A 197 -28.35 -26.93 -12.36
CA VAL A 197 -27.69 -28.19 -12.73
C VAL A 197 -28.63 -28.99 -13.67
N ASP A 198 -29.91 -29.04 -13.36
CA ASP A 198 -30.86 -29.73 -14.20
C ASP A 198 -31.00 -29.12 -15.58
N LEU A 199 -30.96 -27.79 -15.68
CA LEU A 199 -31.04 -27.18 -16.99
C LEU A 199 -29.88 -27.65 -17.85
N ILE A 200 -28.75 -27.87 -17.22
CA ILE A 200 -27.55 -28.35 -17.89
C ILE A 200 -27.68 -29.85 -18.26
N LYS A 201 -28.00 -30.69 -17.28
CA LYS A 201 -28.20 -32.14 -17.49
C LYS A 201 -29.27 -32.42 -18.53
N ASN A 202 -30.34 -31.64 -18.54
CA ASN A 202 -31.36 -31.73 -19.59
C ASN A 202 -31.01 -31.06 -20.91
N LYS A 203 -29.81 -30.50 -21.04
CA LYS A 203 -29.29 -29.92 -22.30
C LYS A 203 -30.00 -28.66 -22.73
N HIS A 204 -30.61 -27.96 -21.80
CA HIS A 204 -31.11 -26.62 -22.09
C HIS A 204 -29.98 -25.62 -22.03
N MET A 205 -28.93 -25.95 -21.28
CA MET A 205 -27.72 -25.16 -21.28
C MET A 205 -26.49 -26.07 -21.29
N ASN A 206 -25.35 -25.49 -21.62
CA ASN A 206 -24.07 -26.18 -21.51
C ASN A 206 -23.17 -25.61 -20.41
N ALA A 207 -22.55 -26.46 -19.61
CA ALA A 207 -21.72 -26.01 -18.48
C ALA A 207 -20.58 -25.12 -18.94
N ASP A 208 -20.19 -25.14 -20.21
CA ASP A 208 -18.98 -24.41 -20.64
C ASP A 208 -19.33 -23.01 -21.05
N THR A 209 -20.60 -22.65 -21.12
CA THR A 209 -20.98 -21.37 -21.68
C THR A 209 -20.40 -20.23 -20.84
N ASP A 210 -19.68 -19.34 -21.52
CA ASP A 210 -19.07 -18.19 -20.90
C ASP A 210 -19.58 -16.90 -21.48
N TYR A 211 -18.91 -15.79 -21.14
CA TYR A 211 -19.41 -14.50 -21.50
C TYR A 211 -19.40 -14.32 -23.02
N SER A 212 -18.27 -14.71 -23.65
CA SER A 212 -18.12 -14.56 -25.11
C SER A 212 -19.06 -15.43 -25.87
N ILE A 213 -19.26 -16.68 -25.42
CA ILE A 213 -20.16 -17.63 -26.17
C ILE A 213 -21.59 -17.09 -26.07
N ALA A 214 -22.01 -16.67 -24.88
CA ALA A 214 -23.38 -16.22 -24.68
C ALA A 214 -23.65 -14.95 -25.45
N GLU A 215 -22.65 -14.07 -25.51
CA GLU A 215 -22.83 -12.85 -26.21
C GLU A 215 -22.93 -13.12 -27.73
N ALA A 216 -22.01 -13.90 -28.29
CA ALA A 216 -22.04 -14.15 -29.72
C ALA A 216 -23.35 -14.85 -30.18
N ALA A 217 -23.85 -15.75 -29.34
CA ALA A 217 -25.09 -16.46 -29.60
C ALA A 217 -26.26 -15.52 -29.64
N PHE A 218 -26.42 -14.67 -28.62
CA PHE A 218 -27.57 -13.79 -28.63
C PHE A 218 -27.48 -12.79 -29.77
N ASN A 219 -26.27 -12.29 -30.00
CA ASN A 219 -26.09 -11.20 -30.98
C ASN A 219 -26.19 -11.72 -32.42
N LYS A 220 -26.05 -13.01 -32.63
CA LYS A 220 -26.28 -13.58 -33.96
C LYS A 220 -27.66 -14.19 -34.09
N GLY A 221 -28.60 -13.98 -33.15
CA GLY A 221 -29.96 -14.53 -33.30
C GLY A 221 -30.13 -16.03 -33.01
N GLU A 222 -29.16 -16.66 -32.36
CA GLU A 222 -29.25 -18.12 -32.06
C GLU A 222 -30.07 -18.42 -30.80
N THR A 223 -30.19 -17.45 -29.90
CA THR A 223 -30.82 -17.70 -28.58
C THR A 223 -31.75 -16.55 -28.35
N ALA A 224 -32.92 -16.86 -27.80
CA ALA A 224 -33.98 -15.89 -27.62
C ALA A 224 -33.72 -14.96 -26.45
N MET A 225 -32.82 -15.32 -25.52
CA MET A 225 -32.64 -14.54 -24.30
C MET A 225 -31.19 -14.67 -23.81
N THR A 226 -30.69 -13.58 -23.23
CA THR A 226 -29.48 -13.64 -22.43
C THR A 226 -29.71 -12.80 -21.11
N ILE A 227 -28.71 -12.88 -20.23
CA ILE A 227 -28.65 -12.10 -18.98
C ILE A 227 -27.34 -11.34 -19.00
N ASN A 228 -27.44 -10.02 -18.91
CA ASN A 228 -26.24 -9.20 -18.91
C ASN A 228 -26.53 -7.78 -18.45
N GLY A 229 -25.47 -6.99 -18.34
CA GLY A 229 -25.55 -5.64 -17.87
C GLY A 229 -25.60 -4.64 -18.98
N PRO A 230 -25.74 -3.36 -18.62
CA PRO A 230 -25.91 -2.24 -19.62
C PRO A 230 -24.74 -2.13 -20.62
N TRP A 231 -23.54 -2.52 -20.14
CA TRP A 231 -22.33 -2.51 -20.99
C TRP A 231 -22.53 -3.33 -22.27
N ALA A 232 -23.41 -4.33 -22.24
CA ALA A 232 -23.58 -5.25 -23.37
C ALA A 232 -24.44 -4.64 -24.51
N TRP A 233 -25.13 -3.54 -24.22
CA TRP A 233 -26.16 -2.98 -25.14
C TRP A 233 -25.60 -2.47 -26.45
N SER A 234 -24.39 -1.95 -26.41
CA SER A 234 -23.74 -1.47 -27.63
C SER A 234 -23.56 -2.57 -28.70
N ASN A 235 -22.92 -3.68 -28.35
CA ASN A 235 -22.74 -4.77 -29.29
C ASN A 235 -24.07 -5.37 -29.75
N ILE A 236 -25.09 -5.42 -28.88
CA ILE A 236 -26.45 -5.75 -29.39
C ILE A 236 -26.99 -4.77 -30.47
N ASP A 237 -26.84 -3.46 -30.22
CA ASP A 237 -27.28 -2.43 -31.16
C ASP A 237 -26.62 -2.66 -32.55
N THR A 238 -25.32 -2.90 -32.53
CA THR A 238 -24.55 -3.19 -33.72
C THR A 238 -25.02 -4.39 -34.49
N SER A 239 -25.39 -5.44 -33.78
CA SER A 239 -25.80 -6.68 -34.43
C SER A 239 -27.21 -6.54 -35.05
N LYS A 240 -27.88 -5.46 -34.68
CA LYS A 240 -29.22 -5.20 -35.18
C LYS A 240 -30.28 -6.17 -34.68
N VAL A 241 -30.03 -6.90 -33.62
CA VAL A 241 -31.07 -7.73 -33.07
C VAL A 241 -32.08 -6.77 -32.52
N ASN A 242 -33.35 -7.14 -32.63
CA ASN A 242 -34.41 -6.32 -32.06
C ASN A 242 -34.70 -6.80 -30.63
N TYR A 243 -34.26 -6.03 -29.63
CA TYR A 243 -34.22 -6.52 -28.26
C TYR A 243 -34.96 -5.64 -27.24
N GLY A 244 -35.38 -6.26 -26.12
CA GLY A 244 -35.95 -5.56 -24.98
C GLY A 244 -35.10 -5.93 -23.76
N VAL A 245 -35.21 -5.12 -22.73
CA VAL A 245 -34.54 -5.35 -21.46
C VAL A 245 -35.63 -5.39 -20.42
N THR A 246 -35.68 -6.39 -19.57
CA THR A 246 -36.79 -6.50 -18.64
C THR A 246 -36.33 -7.16 -17.34
N VAL A 247 -37.30 -7.38 -16.48
CA VAL A 247 -37.12 -7.98 -15.17
C VAL A 247 -36.54 -9.44 -15.28
N LEU A 248 -35.58 -9.77 -14.43
CA LEU A 248 -35.07 -11.13 -14.32
C LEU A 248 -36.22 -12.11 -13.97
N PRO A 249 -36.15 -13.35 -14.46
CA PRO A 249 -37.19 -14.29 -14.13
C PRO A 249 -37.24 -14.59 -12.65
N THR A 250 -38.43 -14.93 -12.17
CA THR A 250 -38.59 -15.41 -10.82
C THR A 250 -38.35 -16.90 -10.73
N PHE A 251 -38.01 -17.36 -9.53
CA PHE A 251 -37.89 -18.79 -9.22
C PHE A 251 -38.64 -19.04 -7.96
N LYS A 252 -39.55 -19.99 -8.04
CA LYS A 252 -40.48 -20.32 -6.98
C LYS A 252 -41.25 -19.09 -6.50
N GLY A 253 -41.74 -18.31 -7.45
CA GLY A 253 -42.43 -17.08 -7.14
C GLY A 253 -41.62 -15.92 -6.60
N GLN A 254 -40.31 -16.04 -6.51
CA GLN A 254 -39.47 -15.04 -5.86
C GLN A 254 -38.50 -14.46 -6.82
N PRO A 255 -38.16 -13.19 -6.62
CA PRO A 255 -37.30 -12.52 -7.56
C PRO A 255 -35.90 -13.07 -7.61
N SER A 256 -35.33 -13.02 -8.79
CA SER A 256 -33.88 -13.17 -8.96
C SER A 256 -33.23 -11.84 -8.61
N LYS A 257 -32.53 -11.83 -7.48
CA LYS A 257 -31.98 -10.59 -6.90
C LYS A 257 -30.56 -10.39 -7.42
N PRO A 258 -30.37 -9.52 -8.44
CA PRO A 258 -29.00 -9.37 -8.89
C PRO A 258 -28.15 -8.60 -7.87
N PHE A 259 -26.84 -8.81 -7.97
CA PHE A 259 -25.84 -8.02 -7.26
C PHE A 259 -25.80 -6.63 -7.83
N VAL A 260 -25.81 -5.63 -6.97
CA VAL A 260 -25.79 -4.20 -7.42
C VAL A 260 -24.42 -3.69 -7.09
N GLY A 261 -23.72 -3.34 -8.15
CA GLY A 261 -22.36 -2.89 -8.12
C GLY A 261 -22.30 -1.44 -8.56
N VAL A 262 -21.43 -0.65 -7.91
CA VAL A 262 -21.08 0.69 -8.33
C VAL A 262 -19.72 0.65 -8.95
N LEU A 263 -19.68 0.94 -10.22
CA LEU A 263 -18.47 1.07 -10.96
C LEU A 263 -17.79 2.28 -10.28
N SER A 264 -16.54 2.11 -9.86
CA SER A 264 -15.87 3.06 -8.97
C SER A 264 -14.44 3.28 -9.41
N ALA A 265 -13.90 4.48 -9.17
CA ALA A 265 -12.53 4.80 -9.67
C ALA A 265 -11.64 5.08 -8.50
N GLY A 266 -10.69 4.20 -8.22
CA GLY A 266 -9.82 4.43 -7.08
C GLY A 266 -8.43 4.90 -7.50
N ILE A 267 -7.76 5.59 -6.62
CA ILE A 267 -6.42 6.16 -6.91
C ILE A 267 -5.38 5.31 -6.16
N ASN A 268 -4.44 4.72 -6.89
CA ASN A 268 -3.43 3.82 -6.30
C ASN A 268 -2.59 4.62 -5.31
N ALA A 269 -2.40 4.10 -4.10
CA ALA A 269 -1.49 4.69 -3.12
C ALA A 269 -0.10 4.92 -3.67
N ALA A 270 0.33 4.09 -4.60
CA ALA A 270 1.64 4.22 -5.13
C ALA A 270 1.74 5.37 -6.13
N SER A 271 0.64 6.04 -6.43
CA SER A 271 0.68 7.04 -7.49
C SER A 271 1.40 8.25 -7.01
N PRO A 272 2.38 8.74 -7.79
CA PRO A 272 2.88 10.10 -7.49
C PRO A 272 2.06 11.16 -8.23
N ASN A 273 0.94 10.77 -8.83
CA ASN A 273 0.12 11.72 -9.59
C ASN A 273 -1.26 11.94 -8.99
N LYS A 274 -1.35 11.94 -7.66
CA LYS A 274 -2.66 11.85 -7.02
C LYS A 274 -3.52 13.09 -7.22
N GLU A 275 -2.88 14.27 -7.29
CA GLU A 275 -3.60 15.49 -7.65
C GLU A 275 -4.04 15.53 -9.08
N LEU A 276 -3.23 15.04 -9.98
CA LEU A 276 -3.64 14.94 -11.38
C LEU A 276 -4.81 13.98 -11.54
N ALA A 277 -4.76 12.85 -10.84
CA ALA A 277 -5.80 11.83 -10.93
C ALA A 277 -7.14 12.42 -10.45
N LYS A 278 -7.01 13.22 -9.41
CA LYS A 278 -8.18 13.91 -8.87
C LYS A 278 -8.77 14.87 -9.87
N GLU A 279 -7.92 15.70 -10.46
CA GLU A 279 -8.39 16.64 -11.45
C GLU A 279 -9.10 15.89 -12.61
N PHE A 280 -8.47 14.83 -13.08
CA PHE A 280 -9.03 14.06 -14.21
C PHE A 280 -10.43 13.53 -13.88
N LEU A 281 -10.54 12.91 -12.71
CA LEU A 281 -11.79 12.28 -12.35
C LEU A 281 -12.90 13.30 -12.02
N GLU A 282 -12.56 14.34 -11.27
CA GLU A 282 -13.58 15.34 -10.84
C GLU A 282 -13.98 16.30 -11.93
N ASN A 283 -13.01 16.75 -12.73
CA ASN A 283 -13.31 17.84 -13.66
C ASN A 283 -13.36 17.41 -15.07
N TYR A 284 -12.96 16.18 -15.37
CA TYR A 284 -13.09 15.67 -16.75
C TYR A 284 -14.05 14.50 -16.86
N LEU A 285 -13.91 13.51 -15.99
CA LEU A 285 -14.74 12.30 -16.16
C LEU A 285 -16.12 12.54 -15.65
N LEU A 286 -16.19 12.99 -14.41
CA LEU A 286 -17.49 13.09 -13.74
C LEU A 286 -18.17 14.42 -14.15
N THR A 287 -18.34 14.60 -15.46
CA THR A 287 -19.08 15.73 -16.04
C THR A 287 -20.01 15.14 -17.11
N ASP A 288 -21.04 15.90 -17.52
CA ASP A 288 -21.96 15.40 -18.51
C ASP A 288 -21.21 14.95 -19.78
N GLU A 289 -20.27 15.75 -20.26
CA GLU A 289 -19.47 15.42 -21.44
C GLU A 289 -18.56 14.22 -21.26
N GLY A 290 -17.97 14.08 -20.07
CA GLY A 290 -17.06 12.94 -19.85
C GLY A 290 -17.80 11.62 -19.81
N LEU A 291 -18.89 11.57 -19.03
CA LEU A 291 -19.67 10.35 -18.88
C LEU A 291 -20.35 9.98 -20.19
N GLU A 292 -20.81 11.00 -20.92
CA GLU A 292 -21.35 10.79 -22.26
C GLU A 292 -20.35 10.12 -23.23
N ALA A 293 -19.12 10.58 -23.29
CA ALA A 293 -18.10 9.89 -24.11
C ALA A 293 -17.97 8.38 -23.78
N VAL A 294 -17.99 8.07 -22.47
CA VAL A 294 -17.79 6.67 -22.04
C VAL A 294 -19.06 5.90 -22.37
N ASN A 295 -20.20 6.50 -22.02
CA ASN A 295 -21.49 5.87 -22.22
C ASN A 295 -21.80 5.55 -23.66
N LYS A 296 -21.38 6.43 -24.55
CA LYS A 296 -21.55 6.19 -25.96
C LYS A 296 -20.68 5.02 -26.49
N ASP A 297 -19.59 4.63 -25.80
CA ASP A 297 -18.84 3.43 -26.17
C ASP A 297 -19.56 2.17 -25.65
N LYS A 298 -19.61 2.02 -24.33
N LYS A 298 -19.63 2.07 -24.33
CA LYS A 298 -20.44 1.01 -23.70
CA LYS A 298 -20.40 1.04 -23.64
C LYS A 298 -21.23 1.66 -22.56
C LYS A 298 -21.26 1.72 -22.57
N PRO A 299 -22.54 1.39 -22.51
CA PRO A 299 -23.32 1.99 -21.47
C PRO A 299 -22.90 1.68 -20.03
N LEU A 300 -22.95 2.71 -19.19
CA LEU A 300 -22.52 2.69 -17.81
C LEU A 300 -23.58 2.17 -16.86
N GLY A 301 -24.84 2.26 -17.26
CA GLY A 301 -25.94 2.10 -16.33
C GLY A 301 -26.49 3.44 -15.86
N ALA A 302 -26.93 3.45 -14.62
CA ALA A 302 -27.45 4.65 -13.97
C ALA A 302 -26.32 5.40 -13.30
N VAL A 303 -25.94 6.47 -13.91
CA VAL A 303 -24.70 7.16 -13.49
C VAL A 303 -24.88 7.91 -12.17
N ALA A 304 -23.80 8.09 -11.47
CA ALA A 304 -23.87 8.73 -10.13
C ALA A 304 -24.08 10.23 -10.24
N LEU A 305 -23.74 10.80 -11.39
CA LEU A 305 -23.83 12.23 -11.58
C LEU A 305 -25.27 12.64 -11.92
N LYS A 306 -25.84 13.46 -11.04
CA LYS A 306 -27.27 13.90 -11.13
C LYS A 306 -27.62 14.46 -12.48
N SER A 307 -26.81 15.38 -12.95
CA SER A 307 -27.21 16.09 -14.14
C SER A 307 -27.33 15.13 -15.32
N TYR A 308 -26.46 14.12 -15.41
CA TYR A 308 -26.45 13.32 -16.61
C TYR A 308 -27.47 12.20 -16.45
N GLU A 309 -27.70 11.75 -15.21
CA GLU A 309 -28.63 10.65 -15.01
C GLU A 309 -30.04 11.09 -15.41
N GLU A 310 -30.30 12.39 -15.23
CA GLU A 310 -31.57 13.02 -15.57
C GLU A 310 -31.91 12.85 -17.05
N GLU A 311 -30.90 12.81 -17.91
CA GLU A 311 -31.10 12.46 -19.33
C GLU A 311 -31.35 10.93 -19.44
N LEU A 312 -30.50 10.11 -18.82
CA LEU A 312 -30.53 8.66 -19.05
C LEU A 312 -31.80 7.96 -18.59
N VAL A 313 -32.45 8.48 -17.55
CA VAL A 313 -33.55 7.78 -16.89
C VAL A 313 -34.81 7.74 -17.73
N LYS A 314 -34.79 8.46 -18.82
CA LYS A 314 -35.83 8.40 -19.81
C LYS A 314 -35.75 7.18 -20.70
N ASP A 315 -34.58 6.59 -20.88
CA ASP A 315 -34.43 5.33 -21.60
C ASP A 315 -35.07 4.16 -20.84
N PRO A 316 -36.01 3.44 -21.47
CA PRO A 316 -36.66 2.30 -20.79
C PRO A 316 -35.66 1.18 -20.42
N ARG A 317 -34.54 1.09 -21.11
CA ARG A 317 -33.54 0.12 -20.73
C ARG A 317 -32.93 0.43 -19.36
N ILE A 318 -32.71 1.72 -19.12
CA ILE A 318 -32.22 2.17 -17.81
C ILE A 318 -33.29 1.95 -16.73
N ALA A 319 -34.53 2.24 -17.06
CA ALA A 319 -35.63 1.97 -16.11
C ALA A 319 -35.73 0.50 -15.71
N ALA A 320 -35.60 -0.38 -16.68
CA ALA A 320 -35.53 -1.81 -16.41
C ALA A 320 -34.28 -2.16 -15.57
N THR A 321 -33.15 -1.57 -15.91
CA THR A 321 -31.95 -1.81 -15.07
C THR A 321 -32.25 -1.40 -13.58
N MET A 322 -32.89 -0.26 -13.37
CA MET A 322 -33.14 0.28 -12.01
C MET A 322 -34.18 -0.60 -11.34
N GLU A 323 -35.14 -1.11 -12.11
CA GLU A 323 -36.08 -2.05 -11.50
C GLU A 323 -35.41 -3.32 -10.99
N ASN A 324 -34.48 -3.86 -11.77
CA ASN A 324 -33.72 -4.98 -11.24
C ASN A 324 -32.81 -4.55 -10.05
N ALA A 325 -32.19 -3.39 -10.11
CA ALA A 325 -31.33 -2.99 -9.02
C ALA A 325 -32.14 -2.84 -7.72
N GLN A 326 -33.33 -2.23 -7.80
CA GLN A 326 -34.25 -2.16 -6.64
C GLN A 326 -34.54 -3.43 -5.97
N LYS A 327 -34.61 -4.52 -6.74
CA LYS A 327 -34.87 -5.84 -6.18
C LYS A 327 -33.60 -6.58 -5.80
N GLY A 328 -32.46 -6.00 -6.10
CA GLY A 328 -31.20 -6.66 -5.88
C GLY A 328 -30.59 -6.58 -4.46
N GLU A 329 -29.35 -7.03 -4.37
CA GLU A 329 -28.55 -6.99 -3.15
C GLU A 329 -27.33 -6.12 -3.40
N ILE A 330 -27.28 -4.98 -2.74
CA ILE A 330 -26.08 -4.12 -2.80
C ILE A 330 -24.90 -4.89 -2.20
N MET A 331 -23.78 -4.95 -2.92
CA MET A 331 -22.60 -5.75 -2.48
C MET A 331 -21.89 -5.05 -1.30
N PRO A 332 -21.52 -5.77 -0.29
CA PRO A 332 -20.56 -5.22 0.65
C PRO A 332 -19.26 -4.85 -0.03
N ASN A 333 -18.43 -4.05 0.66
CA ASN A 333 -17.08 -3.82 0.23
C ASN A 333 -16.00 -4.33 1.17
N ILE A 334 -16.38 -5.14 2.13
CA ILE A 334 -15.46 -5.76 3.06
C ILE A 334 -14.33 -6.57 2.39
N PRO A 335 -13.20 -6.76 3.10
CA PRO A 335 -12.02 -7.43 2.57
C PRO A 335 -12.27 -8.90 2.22
N GLN A 336 -13.20 -9.53 2.91
CA GLN A 336 -13.51 -10.92 2.66
C GLN A 336 -14.30 -11.09 1.36
N MET A 337 -14.59 -10.02 0.61
CA MET A 337 -15.36 -10.24 -0.61
C MET A 337 -14.65 -11.16 -1.62
N SER A 338 -13.31 -11.10 -1.79
CA SER A 338 -12.71 -12.02 -2.77
C SER A 338 -12.83 -13.47 -2.32
N ALA A 339 -12.73 -13.78 -1.03
CA ALA A 339 -12.94 -15.17 -0.55
C ALA A 339 -14.38 -15.59 -0.71
N PHE A 340 -15.36 -14.71 -0.47
CA PHE A 340 -16.75 -15.01 -0.76
C PHE A 340 -16.90 -15.48 -2.22
N TRP A 341 -16.31 -14.73 -3.12
CA TRP A 341 -16.54 -14.98 -4.55
C TRP A 341 -15.81 -16.28 -4.98
N TYR A 342 -14.60 -16.50 -4.44
CA TYR A 342 -13.99 -17.80 -4.62
C TYR A 342 -14.91 -18.93 -4.19
N ALA A 343 -15.52 -18.82 -3.01
CA ALA A 343 -16.36 -19.88 -2.50
C ALA A 343 -17.54 -20.21 -3.41
N VAL A 344 -18.23 -19.16 -3.82
CA VAL A 344 -19.47 -19.28 -4.47
C VAL A 344 -19.13 -19.62 -5.98
N ARG A 345 -17.99 -19.12 -6.46
CA ARG A 345 -17.58 -19.47 -7.81
C ARG A 345 -17.27 -20.97 -7.91
N THR A 346 -16.53 -21.49 -6.93
CA THR A 346 -16.17 -22.92 -6.93
C THR A 346 -17.39 -23.81 -6.81
N ALA A 347 -18.28 -23.46 -5.91
CA ALA A 347 -19.53 -24.20 -5.78
C ALA A 347 -20.31 -24.37 -7.08
N VAL A 348 -20.55 -23.29 -7.82
CA VAL A 348 -21.37 -23.41 -9.03
C VAL A 348 -20.61 -24.24 -10.05
N ILE A 349 -19.36 -23.91 -10.29
CA ILE A 349 -18.61 -24.66 -11.29
C ILE A 349 -18.58 -26.17 -11.04
N ASN A 350 -18.27 -26.53 -9.81
CA ASN A 350 -18.20 -27.91 -9.44
C ASN A 350 -19.57 -28.63 -9.56
N ALA A 351 -20.65 -27.98 -9.14
CA ALA A 351 -21.95 -28.61 -9.17
C ALA A 351 -22.36 -28.71 -10.64
N ALA A 352 -22.10 -27.66 -11.42
CA ALA A 352 -22.53 -27.64 -12.81
C ALA A 352 -21.76 -28.64 -13.67
N SER A 353 -20.51 -28.89 -13.30
CA SER A 353 -19.67 -29.79 -14.09
C SER A 353 -19.83 -31.25 -13.63
N GLY A 354 -20.45 -31.46 -12.49
CA GLY A 354 -20.58 -32.79 -11.94
C GLY A 354 -19.44 -33.13 -11.01
N ARG A 355 -18.43 -32.27 -10.89
CA ARG A 355 -17.33 -32.59 -9.99
C ARG A 355 -17.89 -32.88 -8.57
N GLN A 356 -18.93 -32.18 -8.12
CA GLN A 356 -19.56 -32.44 -6.83
C GLN A 356 -21.10 -32.49 -6.93
N THR A 357 -21.77 -33.19 -6.02
CA THR A 357 -23.22 -33.05 -5.88
C THR A 357 -23.55 -31.64 -5.42
N VAL A 358 -24.81 -31.31 -5.55
CA VAL A 358 -25.30 -29.99 -5.18
C VAL A 358 -25.06 -29.76 -3.70
N ASP A 359 -25.28 -30.77 -2.85
CA ASP A 359 -25.15 -30.56 -1.41
C ASP A 359 -23.72 -30.48 -0.94
N GLU A 360 -22.83 -31.31 -1.50
CA GLU A 360 -21.39 -31.16 -1.23
C GLU A 360 -20.92 -29.77 -1.71
N ALA A 361 -21.35 -29.33 -2.89
CA ALA A 361 -20.91 -28.02 -3.40
C ALA A 361 -21.26 -26.91 -2.38
N LEU A 362 -22.51 -26.90 -1.93
CA LEU A 362 -22.98 -25.86 -1.08
C LEU A 362 -22.37 -26.01 0.30
N LYS A 363 -22.16 -27.24 0.75
CA LYS A 363 -21.52 -27.45 2.05
C LYS A 363 -20.12 -26.85 2.08
N ASP A 364 -19.30 -27.09 1.06
CA ASP A 364 -17.97 -26.52 1.07
C ASP A 364 -18.00 -25.00 0.92
N ALA A 365 -18.94 -24.48 0.16
CA ALA A 365 -19.03 -23.00 0.08
C ALA A 365 -19.27 -22.44 1.49
N GLN A 366 -20.19 -23.08 2.18
CA GLN A 366 -20.58 -22.65 3.52
C GLN A 366 -19.41 -22.71 4.49
N THR A 367 -18.59 -23.72 4.34
CA THR A 367 -17.42 -23.83 5.18
C THR A 367 -16.39 -22.78 4.88
N ARG A 368 -16.14 -22.54 3.60
CA ARG A 368 -15.27 -21.41 3.20
C ARG A 368 -15.78 -20.05 3.70
N ILE A 369 -17.08 -19.81 3.60
CA ILE A 369 -17.60 -18.49 3.96
C ILE A 369 -17.46 -18.33 5.50
N ALA A 370 -17.83 -19.35 6.29
CA ALA A 370 -17.61 -19.33 7.75
C ALA A 370 -16.14 -19.13 8.12
N ALA A 371 -15.20 -19.80 7.45
CA ALA A 371 -13.75 -19.58 7.67
C ALA A 371 -13.33 -18.13 7.35
N ALA A 372 -13.78 -17.60 6.22
CA ALA A 372 -13.50 -16.21 5.91
C ALA A 372 -14.04 -15.22 7.01
N LYS A 373 -15.17 -15.55 7.60
CA LYS A 373 -15.78 -14.66 8.56
C LYS A 373 -15.05 -14.68 9.86
N ALA A 374 -14.44 -15.81 10.23
CA ALA A 374 -13.75 -15.93 11.50
C ALA A 374 -12.41 -15.21 11.40
N GLU A 375 -11.77 -15.37 10.25
CA GLU A 375 -10.61 -14.60 9.93
C GLU A 375 -10.87 -13.05 9.99
N ALA A 376 -12.02 -12.62 9.47
CA ALA A 376 -12.38 -11.20 9.53
C ALA A 376 -12.50 -10.76 10.97
N ALA A 377 -13.16 -11.58 11.79
CA ALA A 377 -13.35 -11.26 13.22
C ALA A 377 -12.02 -11.23 13.97
N ALA A 378 -11.14 -12.20 13.68
CA ALA A 378 -9.77 -12.16 14.25
C ALA A 378 -9.08 -10.83 13.90
N LYS A 379 -8.89 -10.59 12.61
CA LYS A 379 -8.28 -9.36 12.12
C LYS A 379 -8.85 -8.10 12.77
N ALA A 380 -10.16 -7.95 12.76
CA ALA A 380 -10.75 -6.78 13.41
C ALA A 380 -10.37 -6.64 14.91
N GLU A 381 -10.25 -7.75 15.64
CA GLU A 381 -9.78 -7.67 17.02
C GLU A 381 -8.33 -7.13 17.02
N ALA A 382 -7.44 -7.70 16.21
CA ALA A 382 -6.05 -7.19 16.14
C ALA A 382 -5.92 -5.79 15.54
N ALA A 383 -6.78 -5.42 14.59
CA ALA A 383 -6.67 -4.08 14.01
C ALA A 383 -7.09 -3.04 15.05
N ALA A 384 -8.02 -3.42 15.93
CA ALA A 384 -8.33 -2.56 17.07
C ALA A 384 -7.15 -2.42 18.03
N LYS A 385 -6.39 -3.49 18.21
CA LYS A 385 -5.28 -3.42 19.16
C LYS A 385 -4.23 -2.44 18.67
N ALA A 386 -3.81 -2.67 17.43
CA ALA A 386 -2.93 -1.75 16.72
C ALA A 386 -3.42 -0.31 16.70
N ALA A 387 -4.71 -0.13 16.44
CA ALA A 387 -5.34 1.19 16.39
C ALA A 387 -4.97 1.99 17.62
N ALA A 388 -5.24 1.40 18.78
CA ALA A 388 -5.04 2.04 20.04
C ALA A 388 -3.56 2.24 20.48
N ALA A 389 -2.68 1.37 20.04
CA ALA A 389 -1.31 1.56 20.40
C ALA A 389 -0.83 2.75 19.58
N TRP A 390 -1.21 2.79 18.32
CA TRP A 390 -0.80 3.84 17.45
C TRP A 390 -1.36 5.10 17.98
N GLU A 391 -2.60 5.04 18.39
CA GLU A 391 -3.22 6.24 18.88
C GLU A 391 -2.47 6.79 20.10
N ASP A 392 -2.05 5.96 21.04
CA ASP A 392 -1.26 6.52 22.15
C ASP A 392 0.04 7.13 21.69
N ALA A 393 0.65 6.53 20.68
CA ALA A 393 2.01 6.92 20.30
C ALA A 393 1.92 8.27 19.63
N LEU A 394 0.90 8.44 18.80
CA LEU A 394 0.62 9.72 18.12
C LEU A 394 0.24 10.85 19.10
N LYS A 395 -0.52 10.51 20.13
CA LYS A 395 -0.89 11.48 21.13
C LYS A 395 0.38 11.92 21.84
N TRP A 396 1.19 10.94 22.23
CA TRP A 396 2.44 11.23 22.90
C TRP A 396 3.30 12.14 22.05
N LEU A 397 3.31 11.94 20.73
CA LEU A 397 4.10 12.81 19.84
C LEU A 397 3.58 14.23 19.81
N ARG A 398 2.27 14.40 19.78
CA ARG A 398 1.73 15.76 19.76
C ARG A 398 2.07 16.48 21.03
N GLU A 399 1.90 15.80 22.14
CA GLU A 399 2.15 16.41 23.43
C GLU A 399 3.63 16.62 23.77
N ASN A 400 4.55 15.88 23.18
CA ASN A 400 5.92 15.94 23.64
C ASN A 400 6.98 16.25 22.59
N THR A 401 6.61 16.61 21.37
CA THR A 401 7.65 16.90 20.38
C THR A 401 7.34 18.22 19.72
N PRO A 402 8.37 18.88 19.16
CA PRO A 402 8.18 20.15 18.49
C PRO A 402 7.11 20.15 17.40
N GLU A 403 6.47 21.29 17.20
CA GLU A 403 5.23 21.35 16.44
C GLU A 403 5.39 20.96 14.97
N TYR A 404 6.45 21.46 14.36
CA TYR A 404 6.74 21.13 12.98
C TYR A 404 7.76 19.98 12.85
N SER A 405 7.55 18.92 13.64
CA SER A 405 8.45 17.77 13.68
C SER A 405 8.01 16.75 12.64
N THR A 406 8.95 16.16 11.89
CA THR A 406 8.61 15.17 10.84
C THR A 406 8.82 13.74 11.39
N ALA A 407 7.79 12.91 11.27
CA ALA A 407 7.76 11.49 11.76
C ALA A 407 7.42 10.49 10.66
N THR A 408 8.13 9.36 10.55
CA THR A 408 7.76 8.28 9.61
C THR A 408 7.66 6.90 10.21
N SER A 409 7.12 5.99 9.41
CA SER A 409 6.79 4.62 9.81
C SER A 409 6.78 3.87 8.48
N TRP A 410 7.03 2.59 8.46
CA TRP A 410 6.63 1.74 7.33
C TRP A 410 5.08 1.86 7.07
N ASP A 436 8.53 5.50 -3.86
CA ASP A 436 9.99 5.89 -3.93
C ASP A 436 10.67 5.82 -2.57
N ARG A 437 10.22 6.63 -1.64
CA ARG A 437 10.72 6.58 -0.27
C ARG A 437 10.56 5.25 0.39
N ASP A 438 9.54 4.50 0.00
CA ASP A 438 9.36 3.16 0.52
C ASP A 438 10.60 2.29 0.27
N HIS A 439 11.20 2.44 -0.90
CA HIS A 439 12.39 1.67 -1.18
C HIS A 439 13.53 2.01 -0.25
N ILE A 440 13.61 3.27 0.09
CA ILE A 440 14.71 3.76 0.90
C ILE A 440 14.48 3.41 2.39
N LEU A 441 13.24 3.51 2.87
CA LEU A 441 12.91 2.95 4.22
C LEU A 441 13.26 1.51 4.27
N ALA A 442 12.90 0.79 3.22
CA ALA A 442 13.17 -0.63 3.15
C ALA A 442 14.64 -0.99 3.13
N LEU A 443 15.43 -0.19 2.44
CA LEU A 443 16.88 -0.35 2.42
C LEU A 443 17.46 -0.15 3.86
N PHE A 444 16.86 0.76 4.62
CA PHE A 444 17.29 0.96 6.00
C PHE A 444 16.86 -0.23 6.82
N LEU A 445 15.60 -0.63 6.71
CA LEU A 445 15.06 -1.62 7.62
C LEU A 445 15.49 -3.04 7.37
N ALA A 446 15.64 -3.42 6.11
CA ALA A 446 15.93 -4.80 5.73
C ALA A 446 17.38 -5.13 5.63
N ARG A 447 18.26 -4.12 5.62
CA ARG A 447 19.67 -4.33 5.41
C ARG A 447 20.50 -3.95 6.65
N ASP A 448 21.84 -4.05 6.51
CA ASP A 448 22.78 -3.88 7.59
C ASP A 448 24.04 -3.18 7.02
N GLY A 449 24.85 -2.62 7.91
CA GLY A 449 26.12 -2.05 7.47
C GLY A 449 25.95 -0.86 6.53
N ASN A 450 27.03 -0.61 5.78
CA ASN A 450 27.19 0.66 5.07
C ASN A 450 26.07 0.96 4.10
N ILE A 451 25.58 -0.03 3.41
CA ILE A 451 24.52 0.18 2.46
C ILE A 451 23.20 0.60 3.11
N SER A 452 23.01 0.28 4.39
CA SER A 452 21.82 0.61 5.11
C SER A 452 21.80 2.06 5.66
N GLU A 453 22.93 2.77 5.56
CA GLU A 453 23.11 4.14 6.09
C GLU A 453 22.58 5.13 5.04
N VAL A 454 21.28 5.34 5.14
CA VAL A 454 20.49 6.05 4.18
C VAL A 454 20.39 7.51 4.71
N ASP A 455 20.33 8.49 3.85
CA ASP A 455 20.34 9.88 4.28
C ASP A 455 18.94 10.48 4.68
N PHE A 456 18.45 10.02 5.82
CA PHE A 456 17.18 10.45 6.37
C PHE A 456 17.16 11.94 6.70
N GLU A 457 18.29 12.52 7.02
CA GLU A 457 18.33 13.94 7.27
C GLU A 457 17.90 14.76 6.05
N SER A 458 18.09 14.21 4.84
N SER A 458 18.04 14.18 4.85
CA SER A 458 17.63 14.87 3.64
CA SER A 458 17.63 14.83 3.58
C SER A 458 16.15 15.12 3.76
C SER A 458 16.12 14.93 3.47
N TRP A 459 15.42 14.12 4.25
CA TRP A 459 13.99 14.25 4.44
C TRP A 459 13.58 15.07 5.67
N GLU A 460 14.53 15.65 6.42
CA GLU A 460 14.30 16.33 7.71
C GLU A 460 13.61 15.44 8.73
N LEU A 461 13.97 14.15 8.75
CA LEU A 461 13.32 13.18 9.57
C LEU A 461 13.64 13.52 11.02
N ASN A 462 12.64 13.53 11.90
CA ASN A 462 12.89 13.73 13.36
C ASN A 462 12.60 12.51 14.23
N TYR A 463 11.53 11.80 13.92
CA TYR A 463 11.05 10.63 14.66
C TYR A 463 10.74 9.49 13.68
N PHE A 464 11.22 8.27 14.02
CA PHE A 464 10.94 7.04 13.33
C PHE A 464 10.15 6.15 14.25
N LEU A 465 8.95 5.72 13.84
CA LEU A 465 8.13 4.79 14.61
C LEU A 465 8.36 3.37 14.10
N VAL A 466 8.69 2.45 14.98
CA VAL A 466 8.71 1.08 14.59
C VAL A 466 7.67 0.27 15.31
N TYR A 467 7.12 -0.68 14.56
CA TYR A 467 6.03 -1.51 15.00
C TYR A 467 6.47 -2.94 14.95
N LEU A 468 6.51 -3.58 16.11
CA LEU A 468 7.03 -4.94 16.19
C LEU A 468 6.29 -5.91 15.27
N ASN A 469 4.97 -5.71 15.12
CA ASN A 469 4.15 -6.58 14.28
C ASN A 469 4.46 -6.54 12.81
N ASP A 470 5.22 -5.53 12.37
CA ASP A 470 5.71 -5.50 10.96
C ASP A 470 6.63 -6.64 10.62
N TRP A 471 7.01 -7.48 11.57
CA TRP A 471 7.67 -8.71 11.20
C TRP A 471 6.78 -9.50 10.18
N ALA A 472 5.47 -9.40 10.31
CA ALA A 472 4.58 -10.10 9.38
C ALA A 472 4.58 -9.49 7.99
N LYS A 473 5.03 -8.26 7.86
CA LYS A 473 5.17 -7.63 6.59
C LYS A 473 6.57 -7.69 6.01
N PHE A 474 7.47 -8.51 6.56
CA PHE A 474 8.89 -8.35 6.26
C PHE A 474 9.32 -8.87 4.89
N ASN A 475 8.56 -9.78 4.30
CA ASN A 475 8.82 -10.21 2.91
C ASN A 475 8.76 -9.03 1.93
N ALA A 476 7.78 -8.13 2.07
CA ALA A 476 7.68 -6.98 1.18
C ALA A 476 8.80 -6.03 1.47
N ILE A 477 9.06 -5.79 2.75
CA ILE A 477 10.09 -4.86 3.15
C ILE A 477 11.45 -5.35 2.62
N SER A 478 11.71 -6.63 2.75
CA SER A 478 12.94 -7.24 2.28
C SER A 478 13.10 -7.16 0.75
N TYR A 479 12.03 -7.40 0.00
CA TYR A 479 12.06 -7.31 -1.45
C TYR A 479 12.25 -5.89 -1.91
N LEU A 480 11.47 -4.99 -1.36
CA LEU A 480 11.61 -3.61 -1.72
C LEU A 480 12.93 -3.00 -1.27
N GLY A 481 13.57 -3.53 -0.22
CA GLY A 481 14.84 -3.00 0.23
C GLY A 481 16.06 -3.67 -0.39
N GLY A 482 15.81 -4.62 -1.31
CA GLY A 482 16.83 -5.29 -2.11
C GLY A 482 17.50 -6.48 -1.44
N ALA A 483 16.94 -6.94 -0.33
CA ALA A 483 17.54 -8.10 0.36
C ALA A 483 17.29 -9.40 -0.28
N ILE A 484 16.09 -9.60 -0.85
CA ILE A 484 15.74 -10.93 -1.36
C ILE A 484 15.19 -10.79 -2.80
N THR A 485 15.04 -11.93 -3.47
CA THR A 485 14.62 -11.98 -4.88
C THR A 485 13.09 -11.97 -4.96
N ARG A 486 12.58 -11.68 -6.16
CA ARG A 486 11.11 -11.80 -6.41
C ARG A 486 10.59 -13.15 -6.03
N ARG A 487 11.34 -14.21 -6.31
CA ARG A 487 10.88 -15.54 -5.92
C ARG A 487 10.72 -15.70 -4.42
N GLU A 488 11.76 -15.31 -3.67
CA GLU A 488 11.76 -15.42 -2.19
C GLU A 488 10.65 -14.57 -1.59
N TYR A 489 10.31 -13.47 -2.25
CA TYR A 489 9.33 -12.50 -1.78
C TYR A 489 7.96 -13.15 -1.78
N ASN A 490 7.53 -13.69 -2.92
CA ASN A 490 6.21 -14.27 -2.95
C ASN A 490 5.99 -15.42 -3.95
N GLY A 491 7.03 -16.19 -4.19
CA GLY A 491 6.94 -17.39 -4.97
C GLY A 491 7.02 -17.05 -6.46
N ASP A 492 7.23 -18.09 -7.28
CA ASP A 492 7.44 -17.90 -8.72
C ASP A 492 6.07 -18.06 -9.37
N GLU A 493 6.03 -18.08 -10.70
CA GLU A 493 4.77 -18.34 -11.46
C GLU A 493 3.84 -19.40 -10.82
N SER A 494 4.37 -20.60 -10.61
CA SER A 494 3.62 -21.69 -9.98
C SER A 494 3.26 -21.47 -8.52
N GLY A 495 4.02 -20.65 -7.82
CA GLY A 495 3.70 -20.31 -6.43
C GLY A 495 4.63 -20.97 -5.44
N ARG A 496 5.82 -21.28 -5.91
CA ARG A 496 6.81 -21.96 -5.15
C ARG A 496 8.01 -21.05 -4.94
N GLY A 497 8.68 -21.24 -3.82
CA GLY A 497 9.92 -20.57 -3.51
C GLY A 497 9.81 -19.41 -2.53
N ALA A 498 8.62 -19.03 -2.07
CA ALA A 498 8.53 -17.98 -1.07
C ALA A 498 9.26 -18.46 0.19
N VAL A 499 9.89 -17.54 0.88
CA VAL A 499 10.52 -17.85 2.18
C VAL A 499 9.80 -17.09 3.29
N THR A 500 10.00 -17.51 4.54
CA THR A 500 9.57 -16.74 5.71
C THR A 500 10.76 -15.90 6.17
N THR A 501 10.68 -14.57 6.05
CA THR A 501 11.85 -13.79 6.29
C THR A 501 12.08 -13.69 7.81
N LEU A 502 11.02 -13.48 8.61
CA LEU A 502 11.13 -13.30 10.05
C LEU A 502 10.04 -14.00 10.80
N LEU A 503 10.41 -14.64 11.90
CA LEU A 503 9.44 -15.35 12.73
C LEU A 503 9.76 -15.09 14.24
N PRO A 504 8.82 -14.52 15.01
CA PRO A 504 9.09 -14.21 16.41
C PRO A 504 8.83 -15.41 17.29
N LEU A 505 9.63 -15.56 18.35
CA LEU A 505 9.53 -16.69 19.22
C LEU A 505 9.50 -16.20 20.71
N PRO A 506 8.29 -15.98 21.26
CA PRO A 506 8.22 -15.54 22.64
C PRO A 506 8.89 -16.56 23.55
N ARG A 507 9.49 -16.07 24.65
CA ARG A 507 10.16 -16.90 25.63
C ARG A 507 9.18 -17.36 26.73
N TYR A 508 9.15 -18.66 27.03
CA TYR A 508 8.39 -19.20 28.14
C TYR A 508 9.35 -20.11 28.88
N GLY A 509 9.75 -19.63 30.04
CA GLY A 509 10.86 -20.18 30.80
C GLY A 509 12.15 -20.31 30.03
N GLU A 510 12.60 -21.55 29.83
CA GLU A 510 13.83 -21.85 29.05
C GLU A 510 13.51 -22.30 27.62
N LYS A 511 12.31 -22.01 27.15
CA LYS A 511 11.99 -22.29 25.75
C LYS A 511 11.56 -21.06 25.02
N TYR A 512 11.81 -21.06 23.72
CA TYR A 512 11.32 -20.00 22.86
C TYR A 512 10.47 -20.73 21.80
N VAL A 513 9.25 -20.26 21.56
CA VAL A 513 8.25 -21.09 20.94
C VAL A 513 7.46 -20.27 19.96
N ASN A 514 7.17 -20.86 18.81
CA ASN A 514 6.10 -20.43 17.94
C ASN A 514 5.19 -21.61 17.65
N LEU A 515 4.05 -21.68 18.33
CA LEU A 515 3.19 -22.85 18.29
C LEU A 515 2.59 -23.04 16.88
N TYR A 516 2.11 -21.95 16.32
CA TYR A 516 1.67 -21.94 14.96
C TYR A 516 2.65 -22.55 13.98
N ALA A 517 3.93 -22.15 14.03
CA ALA A 517 4.87 -22.63 13.04
C ALA A 517 5.55 -23.89 13.53
N LYS A 518 5.12 -24.33 14.71
CA LYS A 518 5.67 -25.52 15.35
C LYS A 518 7.16 -25.39 15.58
N VAL A 519 7.63 -24.19 15.92
CA VAL A 519 9.06 -24.09 16.33
C VAL A 519 9.22 -24.13 17.85
N ILE A 520 10.10 -25.00 18.34
CA ILE A 520 10.49 -25.00 19.72
C ILE A 520 11.99 -24.92 19.81
N VAL A 521 12.45 -23.93 20.58
CA VAL A 521 13.84 -23.80 20.90
C VAL A 521 14.01 -24.05 22.38
N ASP A 522 14.81 -25.05 22.73
CA ASP A 522 15.10 -25.31 24.13
C ASP A 522 16.55 -24.98 24.49
N VAL A 523 16.73 -24.05 25.43
CA VAL A 523 18.05 -23.69 25.88
C VAL A 523 18.33 -24.15 27.32
N SER A 524 17.51 -25.03 27.83
CA SER A 524 17.76 -25.63 29.16
C SER A 524 19.10 -26.40 29.15
N ASN A 525 19.67 -26.62 30.33
CA ASN A 525 20.91 -27.40 30.45
C ASN A 525 22.13 -26.76 29.77
N SER A 526 22.12 -25.45 29.55
CA SER A 526 23.25 -24.79 28.88
C SER A 526 23.62 -25.51 27.58
N SER A 527 22.82 -25.25 26.57
CA SER A 527 22.84 -25.95 25.31
C SER A 527 21.61 -25.44 24.55
N VAL A 528 21.58 -25.59 23.22
CA VAL A 528 20.41 -25.22 22.40
C VAL A 528 19.94 -26.35 21.51
N LYS A 529 18.65 -26.69 21.53
CA LYS A 529 18.09 -27.64 20.57
C LYS A 529 16.93 -26.99 19.83
N VAL A 530 17.00 -26.99 18.50
CA VAL A 530 15.95 -26.45 17.72
C VAL A 530 15.13 -27.54 17.06
N THR A 531 13.83 -27.41 17.19
CA THR A 531 12.84 -28.38 16.71
C THR A 531 11.79 -27.62 15.89
N VAL A 532 11.58 -28.02 14.63
CA VAL A 532 10.49 -27.50 13.80
C VAL A 532 9.62 -28.71 13.44
N GLY A 533 8.35 -28.66 13.83
CA GLY A 533 7.49 -29.83 13.68
C GLY A 533 8.16 -30.95 14.42
N ASP A 534 8.38 -32.06 13.74
CA ASP A 534 8.96 -33.26 14.40
C ASP A 534 10.48 -33.36 14.25
N ARG A 535 11.09 -32.52 13.41
CA ARG A 535 12.54 -32.68 13.17
C ARG A 535 13.43 -31.68 13.91
N GLU A 536 14.64 -32.12 14.20
CA GLU A 536 15.70 -31.27 14.73
C GLU A 536 16.39 -30.50 13.57
N CYS A 537 16.56 -29.20 13.76
CA CYS A 537 17.09 -28.29 12.73
C CYS A 537 18.29 -27.55 13.29
N ASP A 538 19.24 -27.19 12.42
CA ASP A 538 20.53 -26.66 12.85
C ASP A 538 20.67 -25.29 12.17
N PRO A 539 20.43 -24.20 12.92
CA PRO A 539 20.54 -22.87 12.29
C PRO A 539 21.95 -22.66 11.70
N LEU A 540 22.06 -21.81 10.68
CA LEU A 540 23.34 -21.42 10.11
C LEU A 540 24.14 -20.75 11.22
N MET A 541 23.45 -20.04 12.09
CA MET A 541 24.08 -19.40 13.27
C MET A 541 23.03 -19.15 14.35
N VAL A 542 23.42 -19.30 15.61
CA VAL A 542 22.65 -18.84 16.79
C VAL A 542 23.44 -17.75 17.45
N THR A 543 22.78 -16.64 17.83
CA THR A 543 23.39 -15.58 18.62
C THR A 543 22.59 -15.40 19.92
N PHE A 544 23.35 -15.06 20.97
CA PHE A 544 22.84 -14.87 22.29
C PHE A 544 23.08 -13.43 22.70
N THR A 545 22.04 -12.72 23.09
CA THR A 545 22.25 -11.36 23.65
C THR A 545 21.63 -11.32 25.04
N PRO A 546 22.32 -10.71 26.01
CA PRO A 546 23.42 -9.82 25.81
C PRO A 546 24.85 -10.45 25.93
N SER A 547 25.00 -11.76 26.07
CA SER A 547 26.38 -12.33 26.24
C SER A 547 27.24 -12.18 25.02
N GLY A 548 26.61 -12.12 23.87
CA GLY A 548 27.30 -12.06 22.59
C GLY A 548 27.88 -13.41 22.19
N LYS A 549 27.54 -14.51 22.85
CA LYS A 549 27.93 -15.81 22.36
C LYS A 549 27.28 -16.15 21.01
N THR A 550 28.03 -16.85 20.14
CA THR A 550 27.52 -17.30 18.83
C THR A 550 27.88 -18.73 18.56
N ILE A 551 27.02 -19.38 17.80
CA ILE A 551 27.29 -20.78 17.43
C ILE A 551 27.01 -20.98 15.93
N LYS A 552 28.07 -21.32 15.16
CA LYS A 552 27.96 -21.60 13.70
C LYS A 552 27.42 -23.01 13.53
N GLY A 553 26.43 -23.19 12.68
CA GLY A 553 25.93 -24.52 12.36
C GLY A 553 25.76 -24.68 10.87
N THR A 554 25.17 -25.79 10.49
CA THR A 554 25.08 -26.21 9.12
C THR A 554 23.96 -25.59 8.32
N GLY A 555 22.96 -24.99 8.92
CA GLY A 555 21.78 -24.57 8.15
C GLY A 555 20.99 -25.71 7.52
N THR A 556 20.81 -26.80 8.24
CA THR A 556 20.05 -27.90 7.68
C THR A 556 19.19 -28.50 8.77
N CYS A 557 18.18 -29.28 8.35
CA CYS A 557 17.49 -30.17 9.30
C CYS A 557 18.06 -31.60 9.29
N SER A 558 17.76 -32.38 10.32
CA SER A 558 18.35 -33.69 10.51
C SER A 558 17.98 -34.64 9.38
N ASP A 559 16.87 -34.39 8.66
CA ASP A 559 16.49 -35.22 7.52
C ASP A 559 17.32 -34.86 6.25
N GLY A 560 18.08 -33.78 6.30
CA GLY A 560 18.95 -33.37 5.21
C GLY A 560 18.39 -32.22 4.40
N ASN A 561 17.19 -31.77 4.67
CA ASN A 561 16.67 -30.53 4.03
C ASN A 561 17.32 -29.24 4.52
N ALA A 562 17.32 -28.23 3.67
CA ALA A 562 17.92 -26.95 3.97
C ALA A 562 17.12 -26.25 5.09
N PHE A 563 17.83 -25.55 5.96
CA PHE A 563 17.25 -24.70 7.02
C PHE A 563 18.00 -23.37 7.00
N PRO A 564 17.72 -22.53 6.03
CA PRO A 564 18.55 -21.39 5.86
C PRO A 564 18.24 -20.20 6.74
N TYR A 565 18.30 -20.41 8.06
CA TYR A 565 17.85 -19.43 9.01
C TYR A 565 18.95 -19.20 10.04
N VAL A 566 18.98 -17.96 10.52
CA VAL A 566 19.69 -17.57 11.70
C VAL A 566 18.73 -17.38 12.88
N LEU A 567 19.16 -17.80 14.06
CA LEU A 567 18.37 -17.70 15.29
C LEU A 567 19.04 -16.74 16.26
N HIS A 568 18.31 -15.72 16.67
CA HIS A 568 18.80 -14.83 17.67
C HIS A 568 17.94 -14.98 18.92
N LEU A 569 18.59 -15.16 20.06
CA LEU A 569 17.93 -15.23 21.37
C LEU A 569 18.28 -14.02 22.23
N THR A 570 17.25 -13.39 22.81
CA THR A 570 17.40 -12.32 23.78
C THR A 570 16.69 -12.71 25.10
N PRO A 571 16.83 -11.87 26.15
CA PRO A 571 16.22 -12.26 27.38
C PRO A 571 14.70 -12.42 27.32
N THR A 572 14.02 -11.73 26.40
CA THR A 572 12.58 -11.72 26.38
C THR A 572 11.99 -12.36 25.14
N ILE A 573 12.81 -12.53 24.09
CA ILE A 573 12.26 -13.02 22.85
C ILE A 573 13.31 -13.59 21.93
N GLY A 574 12.87 -14.47 21.03
CA GLY A 574 13.74 -15.07 20.01
C GLY A 574 13.27 -14.66 18.64
N VAL A 575 14.15 -14.72 17.65
CA VAL A 575 13.71 -14.50 16.29
C VAL A 575 14.48 -15.43 15.39
N LEU A 576 13.72 -16.04 14.51
CA LEU A 576 14.27 -16.81 13.45
C LEU A 576 14.26 -15.99 12.17
N ALA A 577 15.43 -15.78 11.57
CA ALA A 577 15.50 -14.94 10.38
C ALA A 577 16.15 -15.63 9.22
N TYR A 578 15.62 -15.35 8.04
CA TYR A 578 16.14 -15.95 6.82
C TYR A 578 17.53 -15.35 6.67
N TYR A 579 18.49 -16.13 6.19
CA TYR A 579 19.88 -15.73 6.20
C TYR A 579 20.08 -14.41 5.52
N LYS A 580 19.33 -14.08 4.44
CA LYS A 580 19.61 -12.78 3.77
C LYS A 580 19.19 -11.55 4.58
N VAL A 581 18.47 -11.70 5.66
CA VAL A 581 18.11 -10.54 6.46
C VAL A 581 18.51 -10.78 7.92
N ALA A 582 19.51 -11.61 8.12
CA ALA A 582 19.86 -12.07 9.46
C ALA A 582 20.31 -10.94 10.37
N THR A 583 20.82 -9.86 9.80
CA THR A 583 21.24 -8.67 10.61
C THR A 583 20.49 -7.39 10.23
N ALA A 584 19.24 -7.54 9.80
CA ALA A 584 18.46 -6.40 9.40
C ALA A 584 18.29 -5.39 10.53
N ASN A 585 18.34 -4.12 10.17
CA ASN A 585 18.24 -3.08 11.17
C ASN A 585 16.88 -3.12 11.89
N PHE A 586 15.82 -3.50 11.18
CA PHE A 586 14.52 -3.73 11.83
C PHE A 586 14.63 -4.65 13.08
N ILE A 587 15.39 -5.71 12.98
CA ILE A 587 15.55 -6.61 14.13
C ILE A 587 16.29 -5.94 15.27
N LYS A 588 17.27 -5.08 14.94
CA LYS A 588 18.02 -4.31 15.96
C LYS A 588 17.03 -3.41 16.70
N LEU A 589 16.17 -2.71 15.94
CA LEU A 589 15.30 -1.72 16.52
C LEU A 589 14.05 -2.31 17.17
N ALA A 590 13.56 -3.42 16.65
CA ALA A 590 12.28 -3.95 17.15
C ALA A 590 12.53 -5.06 18.18
N PHE A 591 13.61 -5.82 18.03
CA PHE A 591 13.80 -6.94 18.91
C PHE A 591 15.02 -6.82 19.77
N GLY A 592 15.75 -5.69 19.67
CA GLY A 592 16.96 -5.50 20.47
C GLY A 592 18.06 -6.51 20.15
N VAL A 593 18.16 -6.97 18.91
CA VAL A 593 19.26 -7.84 18.58
C VAL A 593 20.40 -7.02 17.93
N PRO A 594 21.57 -6.86 18.58
CA PRO A 594 22.56 -5.95 17.99
C PRO A 594 23.48 -6.53 16.93
N ALA A 595 23.31 -7.80 16.55
CA ALA A 595 24.17 -8.41 15.54
C ALA A 595 24.36 -7.56 14.25
N SER A 596 25.61 -7.40 13.80
CA SER A 596 25.91 -6.66 12.61
C SER A 596 27.10 -7.24 11.95
N THR A 597 27.22 -7.09 10.65
CA THR A 597 28.47 -7.54 9.99
C THR A 597 29.61 -6.54 10.14
N ILE A 598 29.35 -5.35 10.67
CA ILE A 598 30.33 -4.28 10.78
C ILE A 598 30.55 -4.07 12.29
N PRO A 599 31.80 -4.25 12.77
CA PRO A 599 32.03 -4.01 14.16
C PRO A 599 31.75 -2.55 14.47
N GLY A 600 31.12 -2.28 15.58
CA GLY A 600 30.83 -0.88 15.90
C GLY A 600 29.43 -0.42 15.48
N PHE A 601 28.81 -1.11 14.51
CA PHE A 601 27.73 -0.49 13.74
C PHE A 601 26.56 -0.27 14.69
N SER A 602 26.27 -1.24 15.52
N SER A 602 26.30 -1.24 15.54
CA SER A 602 25.06 -1.21 16.31
CA SER A 602 25.09 -1.23 16.29
C SER A 602 25.18 -0.19 17.44
C SER A 602 25.18 -0.21 17.45
N ASP A 603 26.35 -0.11 18.08
CA ASP A 603 26.58 0.89 19.05
C ASP A 603 26.41 2.26 18.40
N LYS A 604 26.91 2.43 17.19
CA LYS A 604 26.71 3.73 16.56
C LYS A 604 25.23 4.03 16.38
N LEU A 605 24.51 3.03 15.89
CA LEU A 605 23.10 3.21 15.42
C LEU A 605 22.25 3.68 16.50
N PHE A 606 22.51 3.14 17.70
CA PHE A 606 21.67 3.51 18.81
C PHE A 606 21.88 4.87 19.35
N SER A 607 22.96 5.54 18.94
CA SER A 607 23.11 6.97 19.24
C SER A 607 22.40 7.85 18.18
N ASN A 608 21.96 7.27 17.06
CA ASN A 608 21.23 8.03 16.03
C ASN A 608 19.75 7.78 16.14
N PHE A 609 19.38 6.62 16.70
CA PHE A 609 17.96 6.31 17.00
C PHE A 609 17.77 6.09 18.51
N GLU A 610 17.19 7.07 19.18
CA GLU A 610 17.06 6.99 20.63
C GLU A 610 15.58 6.71 20.96
N PRO A 611 15.30 5.60 21.64
CA PRO A 611 13.93 5.27 22.03
C PRO A 611 13.45 6.24 23.06
N VAL A 612 12.42 6.98 22.73
CA VAL A 612 11.92 8.00 23.64
C VAL A 612 10.53 7.65 24.16
N TYR A 613 9.91 6.58 23.65
CA TYR A 613 8.60 6.11 24.12
C TYR A 613 8.33 4.75 23.55
N GLU A 614 7.54 3.97 24.28
CA GLU A 614 7.03 2.71 23.76
C GLU A 614 5.74 2.23 24.40
N SER A 615 4.68 2.14 23.60
CA SER A 615 3.39 1.60 24.04
C SER A 615 2.93 0.50 23.12
N GLY A 616 2.59 -0.63 23.71
CA GLY A 616 2.07 -1.79 23.00
C GLY A 616 3.27 -2.30 22.26
N ASN A 617 3.16 -2.34 20.96
CA ASN A 617 4.27 -2.83 20.19
C ASN A 617 4.80 -1.74 19.33
N VAL A 618 4.47 -0.48 19.68
CA VAL A 618 5.02 0.69 19.01
C VAL A 618 6.21 1.28 19.80
N ILE A 619 7.34 1.46 19.13
CA ILE A 619 8.44 2.22 19.71
C ILE A 619 8.63 3.47 18.90
N VAL A 620 8.72 4.62 19.55
CA VAL A 620 9.13 5.86 18.84
C VAL A 620 10.56 6.21 19.12
N TYR A 621 11.31 6.36 18.01
CA TYR A 621 12.73 6.70 18.08
C TYR A 621 12.95 8.11 17.67
N ARG A 622 13.68 8.84 18.48
CA ARG A 622 14.19 10.12 18.05
C ARG A 622 15.37 9.92 17.08
N PHE A 623 15.29 10.50 15.88
CA PHE A 623 16.40 10.43 14.93
C PHE A 623 17.33 11.64 15.01
N THR A 624 18.62 11.36 15.05
CA THR A 624 19.61 12.41 14.78
C THR A 624 20.68 11.81 13.92
N PRO A 625 21.05 12.52 12.86
CA PRO A 625 22.11 12.06 12.02
C PRO A 625 23.50 12.01 12.67
N PHE A 626 23.72 12.74 13.77
CA PHE A 626 24.99 12.88 14.43
C PHE A 626 24.74 12.59 15.91
N GLY A 627 25.32 11.49 16.40
CA GLY A 627 25.14 11.10 17.80
C GLY A 627 26.47 10.76 18.44
N ILE A 628 26.53 10.78 19.77
CA ILE A 628 27.76 10.34 20.48
C ILE A 628 27.37 9.04 21.12
N TYR A 629 28.05 7.96 20.82
CA TYR A 629 27.69 6.67 21.39
C TYR A 629 28.65 6.27 22.54
N LYS A 630 29.69 7.03 22.73
CA LYS A 630 30.63 6.68 23.80
C LYS A 630 31.42 7.96 24.14
N ILE A 631 31.53 8.21 25.45
CA ILE A 631 32.48 9.17 25.96
C ILE A 631 33.45 8.45 26.87
N GLU A 632 34.73 8.68 26.64
CA GLU A 632 35.77 8.22 27.51
C GLU A 632 36.40 9.41 28.24
N GLU A 633 36.79 9.20 29.48
CA GLU A 633 37.50 10.22 30.25
C GLU A 633 38.85 9.69 30.75
N ASN A 634 39.84 10.58 30.66
CA ASN A 634 41.17 10.28 31.15
C ASN A 634 41.38 10.83 32.54
N ILE A 635 41.77 9.92 33.41
CA ILE A 635 41.85 10.19 34.82
C ILE A 635 42.96 9.32 35.40
N ASN A 636 43.83 9.94 36.20
CA ASN A 636 45.03 9.29 36.74
C ASN A 636 45.86 8.71 35.59
N GLY A 637 45.68 9.28 34.40
CA GLY A 637 46.30 8.74 33.20
C GLY A 637 45.65 7.56 32.49
N THR A 638 44.64 6.90 33.06
CA THR A 638 43.94 5.85 32.25
C THR A 638 42.50 6.22 31.79
N TRP A 639 42.21 5.77 30.57
CA TRP A 639 40.97 6.10 29.86
C TRP A 639 39.88 5.19 30.35
N LYS A 640 38.70 5.71 30.59
CA LYS A 640 37.61 4.88 31.12
C LYS A 640 36.36 5.46 30.50
N GLN A 641 35.39 4.61 30.16
CA GLN A 641 34.12 5.10 29.62
C GLN A 641 33.30 5.67 30.76
N VAL A 642 32.66 6.80 30.54
CA VAL A 642 31.80 7.41 31.56
C VAL A 642 30.41 7.64 30.99
N TYR A 643 29.45 7.78 31.88
CA TYR A 643 28.02 7.83 31.53
C TYR A 643 27.40 9.13 32.00
N ASN A 644 28.05 9.78 32.94
CA ASN A 644 27.69 11.15 33.24
C ASN A 644 28.92 12.04 33.46
N LEU A 645 28.68 13.32 33.69
CA LEU A 645 29.81 14.23 33.90
C LEU A 645 29.51 15.24 35.00
N THR A 646 30.47 15.52 35.85
CA THR A 646 30.27 16.54 36.90
C THR A 646 30.67 17.97 36.46
N PRO A 647 30.27 18.98 37.24
CA PRO A 647 30.77 20.34 36.91
C PRO A 647 32.27 20.32 37.13
N GLY A 648 33.06 21.09 36.38
CA GLY A 648 34.53 21.08 36.55
C GLY A 648 35.30 20.72 35.29
N LYS A 649 36.57 20.35 35.41
CA LYS A 649 37.41 20.04 34.24
C LYS A 649 37.50 18.56 33.92
N HIS A 650 37.47 18.21 32.64
CA HIS A 650 37.56 16.83 32.22
C HIS A 650 38.36 16.77 30.96
N GLU A 651 39.18 15.75 30.88
CA GLU A 651 39.86 15.43 29.65
C GLU A 651 39.08 14.29 29.01
N LEU A 652 38.54 14.52 27.80
CA LEU A 652 37.49 13.65 27.16
C LEU A 652 37.81 13.26 25.76
N LYS A 653 37.16 12.19 25.34
CA LYS A 653 37.27 11.68 23.96
C LYS A 653 35.87 11.24 23.56
N LEU A 654 35.33 11.85 22.52
CA LEU A 654 33.97 11.66 22.12
C LEU A 654 33.91 10.79 20.92
N TYR A 655 33.02 9.82 20.98
CA TYR A 655 32.92 8.85 19.88
C TYR A 655 31.61 9.07 19.19
N ILE A 656 31.71 9.44 17.94
CA ILE A 656 30.65 10.01 17.19
C ILE A 656 30.16 9.04 16.13
N SER A 657 28.83 8.96 16.00
CA SER A 657 28.23 8.29 14.88
C SER A 657 27.65 9.23 13.86
N ALA A 658 28.05 9.13 12.59
CA ALA A 658 27.43 9.92 11.54
C ALA A 658 26.60 8.94 10.71
N PHE A 659 25.30 9.18 10.67
CA PHE A 659 24.42 8.26 10.00
C PHE A 659 23.88 8.82 8.69
N GLY A 660 24.39 8.29 7.60
CA GLY A 660 23.85 8.59 6.25
C GLY A 660 24.33 9.85 5.55
N ARG A 661 25.02 10.73 6.27
CA ARG A 661 25.69 11.90 5.73
C ARG A 661 26.86 12.41 6.60
N ASP A 662 27.78 13.05 5.90
CA ASP A 662 29.03 13.54 6.47
C ASP A 662 28.81 14.73 7.42
N ILE A 663 29.71 14.84 8.38
CA ILE A 663 29.84 16.07 9.13
C ILE A 663 30.68 16.98 8.25
N GLU A 664 30.30 18.23 8.13
CA GLU A 664 31.04 19.19 7.31
C GLU A 664 30.92 20.59 7.86
N ASN A 665 32.06 21.23 8.05
CA ASN A 665 32.16 22.55 8.65
C ASN A 665 31.25 22.71 9.85
N ALA A 666 31.46 21.88 10.88
CA ALA A 666 30.56 21.92 11.99
C ALA A 666 31.23 22.50 13.18
N THR A 667 30.40 23.00 14.10
CA THR A 667 30.88 23.31 15.40
C THR A 667 30.16 22.48 16.46
N LEU A 668 30.92 22.11 17.47
CA LEU A 668 30.46 21.27 18.53
C LEU A 668 30.33 22.08 19.80
N TYR A 669 29.16 22.03 20.46
CA TYR A 669 28.99 22.68 21.75
C TYR A 669 28.51 21.73 22.82
N ILE A 670 28.66 22.18 24.08
CA ILE A 670 27.94 21.65 25.24
C ILE A 670 26.98 22.74 25.74
N TYR A 671 25.69 22.42 25.78
CA TYR A 671 24.74 23.29 26.43
C TYR A 671 24.61 22.80 27.89
N ALA A 672 25.01 23.63 28.86
CA ALA A 672 24.74 23.34 30.28
C ALA A 672 23.25 23.55 30.54
N ILE A 673 22.60 22.61 31.20
CA ILE A 673 21.16 22.70 31.29
C ILE A 673 20.77 22.75 32.73
N ASN A 674 19.79 23.61 33.03
CA ASN A 674 19.13 23.60 34.36
C ASN A 674 17.61 23.58 34.30
N ASN A 675 17.11 22.52 34.93
CA ASN A 675 15.74 22.10 34.82
C ASN A 675 15.46 21.90 33.36
N GLU A 676 14.99 22.90 32.64
CA GLU A 676 14.79 22.68 31.22
C GLU A 676 15.32 23.82 30.39
N LYS A 677 16.22 24.59 30.97
CA LYS A 677 16.62 25.83 30.39
C LYS A 677 18.11 25.74 30.10
N ILE A 678 18.50 26.22 28.91
CA ILE A 678 19.91 26.40 28.54
C ILE A 678 20.47 27.58 29.33
N ILE A 679 21.41 27.32 30.24
CA ILE A 679 22.05 28.42 30.93
C ILE A 679 23.37 28.83 30.32
N GLU A 680 24.12 27.94 29.69
CA GLU A 680 25.33 28.34 28.98
C GLU A 680 25.53 27.56 27.66
N LYS A 681 26.08 28.20 26.63
CA LYS A 681 26.64 27.49 25.45
C LYS A 681 28.15 27.54 25.40
N ILE A 682 28.79 26.39 25.39
CA ILE A 682 30.23 26.31 25.48
C ILE A 682 30.71 25.62 24.22
N LYS A 683 31.55 26.29 23.44
CA LYS A 683 32.13 25.75 22.24
C LYS A 683 33.25 24.87 22.64
N ILE A 684 33.27 23.63 22.15
CA ILE A 684 34.31 22.72 22.52
C ILE A 684 35.17 22.25 21.39
N ALA A 685 34.74 22.41 20.15
CA ALA A 685 35.47 21.86 19.06
C ALA A 685 34.88 22.34 17.74
N GLU A 686 35.73 22.27 16.74
CA GLU A 686 35.36 22.38 15.34
C GLU A 686 35.65 21.02 14.69
N ILE A 687 34.75 20.59 13.78
CA ILE A 687 34.95 19.41 12.95
C ILE A 687 34.71 19.83 11.49
N SER A 688 35.78 20.06 10.75
CA SER A 688 35.62 20.44 9.34
C SER A 688 35.09 19.29 8.50
N HIS A 689 35.44 18.04 8.84
CA HIS A 689 34.98 16.86 8.08
C HIS A 689 35.01 15.53 8.81
N MET A 690 33.94 14.75 8.67
CA MET A 690 33.95 13.31 9.10
C MET A 690 33.12 12.51 8.11
N ASP A 691 33.71 11.48 7.51
CA ASP A 691 32.99 10.65 6.57
C ASP A 691 31.93 9.90 7.36
N TYR A 692 30.77 9.67 6.75
CA TYR A 692 29.76 8.92 7.48
C TYR A 692 30.03 7.44 7.56
N LEU A 693 30.94 6.91 6.74
CA LEU A 693 31.37 5.55 6.88
C LEU A 693 32.69 5.39 7.56
N ASN A 694 33.36 6.48 7.95
CA ASN A 694 34.68 6.31 8.62
C ASN A 694 34.84 7.29 9.75
N GLU A 695 34.03 7.21 10.78
CA GLU A 695 34.10 8.15 11.88
C GLU A 695 35.36 8.00 12.69
N TYR A 696 35.74 9.02 13.45
CA TYR A 696 36.94 8.89 14.30
C TYR A 696 36.63 9.66 15.57
N PRO A 697 37.29 9.26 16.67
CA PRO A 697 37.10 9.90 17.96
C PRO A 697 37.67 11.33 17.97
N ILE A 698 37.02 12.21 18.72
CA ILE A 698 37.50 13.61 18.94
C ILE A 698 37.90 13.84 20.42
N ALA A 699 39.17 14.16 20.70
CA ALA A 699 39.55 14.58 22.07
C ALA A 699 39.23 16.04 22.34
N VAL A 700 38.59 16.34 23.47
CA VAL A 700 38.34 17.69 23.94
C VAL A 700 38.66 17.80 25.45
N ASN A 701 39.14 18.97 25.87
CA ASN A 701 39.29 19.31 27.30
C ASN A 701 38.29 20.38 27.62
N VAL A 702 37.47 20.18 28.63
CA VAL A 702 36.40 21.12 28.87
C VAL A 702 36.31 21.46 30.33
N THR A 703 35.64 22.57 30.59
CA THR A 703 35.38 23.01 31.93
C THR A 703 33.92 23.31 31.99
N LEU A 704 33.18 22.54 32.78
CA LEU A 704 31.73 22.65 32.84
C LEU A 704 31.27 23.39 34.10
N PRO A 705 30.31 24.30 33.96
CA PRO A 705 29.70 24.98 35.10
C PRO A 705 28.67 24.11 35.76
N ASN A 706 28.14 24.54 36.91
CA ASN A 706 27.06 23.82 37.54
C ASN A 706 25.84 23.70 36.63
N ALA A 707 25.11 22.60 36.78
CA ALA A 707 23.92 22.32 35.95
C ALA A 707 23.33 20.96 36.33
N THR A 708 22.07 20.75 35.97
CA THR A 708 21.48 19.42 36.12
C THR A 708 21.95 18.41 35.04
N SER A 709 22.23 18.92 33.83
CA SER A 709 22.72 18.04 32.74
C SER A 709 23.37 18.85 31.61
N TYR A 710 23.97 18.10 30.67
CA TYR A 710 24.77 18.68 29.59
C TYR A 710 24.36 18.10 28.22
N ARG A 711 23.92 18.95 27.29
CA ARG A 711 23.64 18.49 25.92
C ARG A 711 24.85 18.71 25.05
N PHE A 712 25.33 17.64 24.42
CA PHE A 712 26.23 17.74 23.27
C PHE A 712 25.49 18.09 21.99
N VAL A 713 25.90 19.21 21.36
CA VAL A 713 25.13 19.77 20.27
C VAL A 713 26.03 20.09 19.09
N LEU A 714 25.67 19.56 17.91
CA LEU A 714 26.41 19.86 16.70
C LEU A 714 25.65 20.85 15.84
N VAL A 715 26.36 21.83 15.28
CA VAL A 715 25.71 22.84 14.42
C VAL A 715 26.40 22.76 13.07
N GLN A 716 25.64 22.47 12.04
CA GLN A 716 26.14 22.60 10.70
C GLN A 716 24.96 22.87 9.81
N LYS A 717 25.23 23.14 8.53
CA LYS A 717 24.17 23.44 7.58
C LYS A 717 23.32 22.21 7.35
N GLY A 718 22.01 22.38 7.24
CA GLY A 718 21.12 21.31 6.88
C GLY A 718 19.72 21.79 6.60
N PRO A 719 18.86 20.89 6.17
CA PRO A 719 17.50 21.31 5.77
C PRO A 719 16.60 21.63 6.97
N ILE A 720 15.85 22.72 6.86
CA ILE A 720 14.93 23.22 7.89
C ILE A 720 13.57 23.63 7.30
N GLY A 721 12.49 23.43 8.03
CA GLY A 721 11.20 23.99 7.69
C GLY A 721 10.29 22.92 7.20
N VAL A 722 9.01 23.12 7.42
CA VAL A 722 7.99 22.25 6.83
C VAL A 722 6.91 23.02 6.06
N LEU A 723 6.75 22.69 4.78
CA LEU A 723 5.62 23.19 3.97
C LEU A 723 4.27 22.86 4.59
N LEU A 724 3.37 23.84 4.56
CA LEU A 724 2.09 23.77 5.24
C LEU A 724 0.96 23.51 4.25
N ASP A 725 0.91 24.28 3.19
CA ASP A 725 0.04 23.97 2.08
C ASP A 725 0.91 23.64 0.91
N ALA A 726 0.26 23.01 -0.07
CA ALA A 726 0.86 22.89 -1.36
C ALA A 726 1.36 24.29 -1.77
N PRO A 727 2.47 24.31 -2.52
CA PRO A 727 3.03 25.55 -2.99
C PRO A 727 2.25 26.06 -4.20
N LYS A 728 2.49 27.32 -4.53
CA LYS A 728 1.93 27.90 -5.73
C LYS A 728 3.01 28.50 -6.61
N VAL A 729 2.89 28.22 -7.91
CA VAL A 729 3.68 28.83 -8.95
C VAL A 729 2.74 29.66 -9.84
N ASN A 730 2.86 30.99 -9.77
CA ASN A 730 1.99 31.90 -10.56
C ASN A 730 0.54 31.73 -10.13
N GLY A 731 0.26 31.81 -8.84
CA GLY A 731 -1.07 31.52 -8.32
C GLY A 731 -1.64 30.13 -8.57
N GLU A 732 -0.90 29.24 -9.26
CA GLU A 732 -1.32 27.86 -9.48
C GLU A 732 -0.84 26.91 -8.36
N ILE A 733 -1.71 26.03 -7.91
CA ILE A 733 -1.41 25.04 -6.87
C ILE A 733 -0.52 23.95 -7.49
N ARG A 734 0.57 23.61 -6.84
CA ARG A 734 1.52 22.66 -7.42
C ARG A 734 1.95 21.60 -6.46
N SER A 735 2.58 20.59 -7.04
CA SER A 735 3.07 19.46 -6.26
C SER A 735 4.27 19.86 -5.38
N PRO A 736 4.19 19.60 -4.06
CA PRO A 736 5.33 19.88 -3.18
C PRO A 736 6.57 19.01 -3.51
N THR A 737 6.34 17.83 -4.06
CA THR A 737 7.45 16.99 -4.49
C THR A 737 7.95 17.25 -5.91
N ASN A 738 7.14 17.93 -6.73
CA ASN A 738 7.57 18.31 -8.09
C ASN A 738 7.11 19.70 -8.43
N ILE A 739 7.79 20.67 -7.83
CA ILE A 739 7.29 22.03 -7.79
C ILE A 739 7.44 22.76 -9.12
N LEU A 740 8.42 22.35 -9.93
CA LEU A 740 8.65 22.92 -11.24
C LEU A 740 9.16 21.80 -12.13
N ARG A 741 8.61 21.71 -13.34
CA ARG A 741 9.19 20.88 -14.41
C ARG A 741 10.47 21.54 -14.94
N GLU A 742 11.32 20.77 -15.61
CA GLU A 742 12.57 21.35 -16.06
C GLU A 742 12.24 22.25 -17.22
N GLY A 743 12.74 23.48 -17.16
CA GLY A 743 12.52 24.47 -18.18
C GLY A 743 11.68 25.52 -17.53
N GLU A 744 10.57 25.08 -16.95
CA GLU A 744 9.57 26.00 -16.40
C GLU A 744 10.15 27.03 -15.44
N SER A 745 9.50 28.19 -15.34
CA SER A 745 9.81 29.15 -14.26
C SER A 745 8.54 29.81 -13.70
N GLY A 746 8.64 30.59 -12.65
CA GLY A 746 7.46 31.29 -12.16
C GLY A 746 7.64 32.02 -10.87
N GLU A 747 6.57 32.65 -10.41
CA GLU A 747 6.55 33.27 -9.08
C GLU A 747 6.08 32.21 -8.09
N ILE A 748 6.89 31.95 -7.07
CA ILE A 748 6.59 30.85 -6.15
C ILE A 748 6.22 31.34 -4.79
N GLU A 749 5.30 30.64 -4.17
CA GLU A 749 4.87 31.02 -2.83
C GLU A 749 4.70 29.77 -1.95
N LEU A 750 5.32 29.83 -0.79
CA LEU A 750 5.43 28.69 0.11
C LEU A 750 4.98 29.17 1.46
N LYS A 751 4.15 28.36 2.13
CA LYS A 751 3.94 28.56 3.57
C LYS A 751 4.79 27.53 4.32
N VAL A 752 5.69 28.04 5.18
CA VAL A 752 6.75 27.30 5.86
C VAL A 752 6.59 27.40 7.36
N GLY A 753 6.65 26.27 8.07
CA GLY A 753 6.70 26.29 9.54
C GLY A 753 8.11 26.02 10.03
N VAL A 754 8.53 26.79 11.02
CA VAL A 754 9.80 26.57 11.72
C VAL A 754 9.57 26.65 13.23
N ASP A 755 10.35 25.86 13.98
CA ASP A 755 10.18 25.71 15.42
C ASP A 755 11.04 26.77 16.11
N LYS A 756 11.80 27.52 15.32
CA LYS A 756 12.56 28.67 15.77
C LYS A 756 12.95 29.56 14.56
N ASP A 757 13.65 30.65 14.84
CA ASP A 757 14.03 31.58 13.82
C ASP A 757 15.30 31.06 13.11
N TYR A 758 15.44 31.42 11.82
CA TYR A 758 16.60 31.07 10.98
C TYR A 758 16.88 32.08 9.85
N THR A 759 18.15 32.33 9.56
CA THR A 759 18.52 32.93 8.30
C THR A 759 18.84 31.79 7.33
N ALA A 760 17.98 31.60 6.34
CA ALA A 760 18.05 30.46 5.42
C ALA A 760 18.27 30.88 3.97
N ASP A 761 18.95 30.01 3.24
CA ASP A 761 18.94 30.04 1.79
C ASP A 761 17.89 29.05 1.32
N LEU A 762 17.42 29.25 0.09
CA LEU A 762 16.41 28.43 -0.51
C LEU A 762 16.97 27.92 -1.82
N TYR A 763 16.82 26.62 -2.02
CA TYR A 763 17.27 25.96 -3.24
C TYR A 763 16.14 25.16 -3.81
N LEU A 764 16.29 24.80 -5.08
CA LEU A 764 15.59 23.70 -5.67
C LEU A 764 16.54 22.50 -5.66
N ARG A 765 16.02 21.36 -5.19
CA ARG A 765 16.83 20.16 -4.92
C ARG A 765 16.14 19.04 -5.58
N ALA A 766 16.86 18.28 -6.39
CA ALA A 766 16.24 17.12 -6.94
C ALA A 766 16.78 15.89 -6.22
N THR A 767 15.90 14.92 -6.10
CA THR A 767 16.24 13.63 -5.54
C THR A 767 15.75 12.61 -6.56
N PHE A 768 16.68 11.77 -7.00
CA PHE A 768 16.38 10.55 -7.74
C PHE A 768 16.40 9.26 -6.88
N ILE A 769 15.32 8.49 -6.91
CA ILE A 769 15.33 7.18 -6.28
C ILE A 769 15.14 6.19 -7.37
N TYR A 770 16.03 5.22 -7.45
CA TYR A 770 15.96 4.19 -8.47
C TYR A 770 16.48 2.90 -7.99
N LEU A 771 16.12 1.84 -8.69
CA LEU A 771 16.67 0.53 -8.49
C LEU A 771 17.64 0.09 -9.56
N VAL A 772 18.56 -0.81 -9.18
CA VAL A 772 19.47 -1.49 -10.09
C VAL A 772 19.42 -3.01 -9.87
N ARG A 773 18.98 -3.77 -10.87
CA ARG A 773 18.95 -5.21 -10.81
C ARG A 773 20.36 -5.78 -10.54
N LYS A 774 20.47 -6.72 -9.59
CA LYS A 774 21.76 -7.23 -9.25
C LYS A 774 21.84 -8.70 -9.43
N SER A 775 20.77 -9.30 -9.92
CA SER A 775 20.75 -10.76 -10.19
C SER A 775 19.66 -11.01 -11.20
N GLY A 776 19.65 -12.21 -11.77
CA GLY A 776 18.61 -12.56 -12.76
C GLY A 776 18.94 -12.02 -14.16
N LYS A 777 18.27 -12.50 -15.20
CA LYS A 777 18.70 -12.18 -16.57
C LYS A 777 18.05 -10.95 -17.09
N ASP A 778 16.91 -10.58 -16.51
CA ASP A 778 16.20 -9.40 -16.91
C ASP A 778 15.27 -9.03 -15.76
N ASN A 779 14.55 -7.94 -15.91
CA ASN A 779 13.73 -7.43 -14.82
C ASN A 779 12.55 -8.27 -14.43
N GLU A 780 12.21 -9.24 -15.27
CA GLU A 780 11.09 -10.13 -15.03
C GLU A 780 11.49 -11.49 -14.43
N ASP A 781 12.77 -11.80 -14.46
CA ASP A 781 13.26 -13.06 -13.89
C ASP A 781 12.99 -13.06 -12.38
N TYR A 782 12.51 -14.18 -11.88
CA TYR A 782 12.14 -14.33 -10.51
C TYR A 782 13.40 -14.45 -9.62
N ASP A 783 14.57 -14.57 -10.29
CA ASP A 783 15.88 -14.58 -9.65
C ASP A 783 16.37 -13.16 -9.39
N ALA A 784 15.59 -12.17 -9.85
CA ALA A 784 15.97 -10.80 -9.76
C ALA A 784 15.75 -10.29 -8.33
N ALA A 785 16.75 -9.60 -7.84
CA ALA A 785 16.71 -8.65 -6.72
C ALA A 785 17.14 -7.29 -7.26
N PHE A 786 16.74 -6.27 -6.55
CA PHE A 786 16.92 -4.89 -6.96
C PHE A 786 17.51 -4.02 -5.85
N GLU A 787 18.61 -3.32 -6.14
CA GLU A 787 19.28 -2.48 -5.16
C GLU A 787 18.80 -1.08 -5.27
N PRO A 788 18.20 -0.49 -4.19
CA PRO A 788 17.75 0.89 -4.25
C PRO A 788 18.87 1.86 -4.07
N GLN A 789 18.79 3.01 -4.71
CA GLN A 789 19.77 4.05 -4.55
C GLN A 789 19.04 5.38 -4.50
N MET A 790 19.56 6.29 -3.70
CA MET A 790 19.07 7.64 -3.67
C MET A 790 20.16 8.64 -3.98
N ASP A 791 20.02 9.44 -5.05
CA ASP A 791 20.94 10.54 -5.31
C ASP A 791 20.24 11.86 -5.13
N VAL A 792 20.84 12.76 -4.35
CA VAL A 792 20.31 14.05 -4.02
C VAL A 792 21.26 15.13 -4.53
N PHE A 793 20.75 16.09 -5.29
CA PHE A 793 21.55 17.27 -5.57
C PHE A 793 20.80 18.57 -5.70
N PHE A 794 21.49 19.61 -5.28
CA PHE A 794 21.02 20.99 -5.26
C PHE A 794 21.26 21.63 -6.61
N ILE A 795 20.19 22.06 -7.26
CA ILE A 795 20.32 22.50 -8.62
C ILE A 795 20.57 24.00 -8.67
N THR A 796 19.70 24.78 -8.01
CA THR A 796 19.82 26.21 -8.03
C THR A 796 19.44 26.82 -6.70
N LYS A 797 20.27 27.74 -6.24
CA LYS A 797 19.95 28.62 -5.16
C LYS A 797 19.01 29.69 -5.71
N ILE A 798 17.82 29.81 -5.14
CA ILE A 798 16.83 30.71 -5.64
C ILE A 798 16.44 31.72 -4.59
N GLY A 799 17.22 31.83 -3.53
CA GLY A 799 16.82 32.70 -2.45
C GLY A 799 17.90 32.69 -1.44
N GLU A 800 18.30 33.87 -1.02
CA GLU A 800 19.37 34.04 -0.12
C GLU A 800 18.78 34.71 1.15
N ASN A 801 19.47 34.58 2.28
CA ASN A 801 19.16 35.16 3.60
C ASN A 801 17.72 35.45 3.91
N ILE A 802 16.84 34.48 3.65
CA ILE A 802 15.44 34.57 4.00
C ILE A 802 15.29 34.41 5.51
N GLN A 803 14.50 35.29 6.14
CA GLN A 803 14.49 35.39 7.59
C GLN A 803 13.24 34.81 8.16
N LEU A 804 13.35 33.56 8.58
CA LEU A 804 12.19 32.82 9.02
C LEU A 804 11.98 33.02 10.51
N LYS A 805 10.70 33.09 10.92
CA LYS A 805 10.33 33.27 12.32
C LYS A 805 9.54 32.13 12.78
N GLU A 806 9.71 31.82 14.07
CA GLU A 806 9.01 30.75 14.73
C GLU A 806 7.52 30.77 14.38
N GLY A 807 6.89 29.60 14.28
CA GLY A 807 5.56 29.50 13.69
C GLY A 807 5.59 29.70 12.17
N GLU A 808 4.46 30.13 11.62
CA GLU A 808 4.23 30.18 10.17
C GLU A 808 4.84 31.35 9.41
N ASN A 809 5.03 31.16 8.10
CA ASN A 809 5.77 32.10 7.23
C ASN A 809 5.34 31.97 5.77
N THR A 810 5.41 33.08 5.04
CA THR A 810 5.09 33.15 3.63
C THR A 810 6.33 33.57 2.89
N VAL A 811 6.75 32.80 1.89
CA VAL A 811 7.94 33.20 1.14
C VAL A 811 7.55 33.21 -0.33
N LYS A 812 8.14 34.14 -1.07
CA LYS A 812 7.82 34.34 -2.48
C LYS A 812 9.07 34.71 -3.21
N VAL A 813 9.42 33.94 -4.25
CA VAL A 813 10.50 34.31 -5.13
C VAL A 813 10.17 33.92 -6.57
N ARG A 814 10.83 34.56 -7.53
CA ARG A 814 10.77 34.10 -8.92
C ARG A 814 11.75 32.95 -8.95
N ALA A 815 11.49 31.95 -9.77
CA ALA A 815 12.50 30.91 -9.91
C ALA A 815 12.30 30.09 -11.15
N GLU A 816 13.43 29.65 -11.72
CA GLU A 816 13.42 28.78 -12.88
C GLU A 816 14.22 27.47 -12.63
N LEU A 817 13.63 26.35 -13.00
CA LEU A 817 14.38 25.13 -13.12
C LEU A 817 14.88 25.05 -14.56
N PRO A 818 16.23 25.06 -14.77
CA PRO A 818 16.78 24.98 -16.15
C PRO A 818 16.38 23.70 -16.90
N GLU A 819 16.24 23.76 -18.23
CA GLU A 819 15.91 22.50 -18.94
C GLU A 819 17.17 21.71 -18.99
N GLY A 820 17.04 20.41 -19.23
CA GLY A 820 18.21 19.53 -19.24
C GLY A 820 18.58 18.90 -17.89
N VAL A 821 18.40 19.64 -16.79
CA VAL A 821 18.81 19.15 -15.43
C VAL A 821 18.25 17.76 -15.12
N ILE A 822 16.93 17.63 -15.10
CA ILE A 822 16.29 16.32 -14.99
C ILE A 822 16.48 15.79 -16.39
N SER A 823 16.40 14.49 -16.61
CA SER A 823 16.49 14.00 -18.01
C SER A 823 17.97 13.93 -18.47
N SER A 824 18.75 15.01 -18.31
CA SER A 824 20.19 14.84 -18.41
C SER A 824 20.75 13.77 -17.43
N TYR A 825 20.30 13.85 -16.18
CA TYR A 825 20.76 12.86 -15.21
C TYR A 825 20.17 11.52 -15.47
N LYS A 826 18.91 11.60 -15.84
CA LYS A 826 18.10 10.46 -16.14
C LYS A 826 18.79 9.65 -17.24
N ASP A 827 19.29 10.32 -18.28
CA ASP A 827 19.96 9.55 -19.32
C ASP A 827 21.43 9.17 -18.94
N GLU A 828 22.04 9.86 -17.97
CA GLU A 828 23.33 9.37 -17.45
C GLU A 828 23.15 8.07 -16.63
N LEU A 829 22.04 7.95 -15.92
CA LEU A 829 21.68 6.68 -15.24
C LEU A 829 21.58 5.55 -16.23
N GLN A 830 20.83 5.76 -17.32
CA GLN A 830 20.80 4.83 -18.49
C GLN A 830 22.16 4.38 -18.93
N ARG A 831 23.03 5.36 -19.17
CA ARG A 831 24.35 5.08 -19.67
C ARG A 831 24.95 4.10 -18.70
N LYS A 832 24.99 4.45 -17.42
CA LYS A 832 25.71 3.63 -16.48
C LYS A 832 25.06 2.28 -16.21
N TYR A 833 23.73 2.22 -16.18
CA TYR A 833 23.06 0.96 -15.78
C TYR A 833 22.30 0.18 -16.85
N GLY A 834 21.93 0.82 -17.97
CA GLY A 834 21.29 0.07 -19.07
C GLY A 834 19.94 -0.56 -18.66
N ASP A 835 19.66 -1.74 -19.14
CA ASP A 835 18.40 -2.39 -18.78
C ASP A 835 18.31 -2.83 -17.26
N LYS A 836 19.31 -2.57 -16.44
CA LYS A 836 19.23 -2.91 -15.01
C LYS A 836 18.51 -1.86 -14.24
N LEU A 837 18.40 -0.68 -14.87
CA LEU A 837 17.86 0.47 -14.26
C LEU A 837 16.33 0.51 -14.19
N ILE A 838 15.80 0.82 -13.01
CA ILE A 838 14.37 1.14 -12.87
C ILE A 838 14.21 2.35 -12.01
N ILE A 839 13.86 3.45 -12.64
CA ILE A 839 13.56 4.71 -11.96
C ILE A 839 12.22 4.69 -11.21
N ARG A 840 12.23 5.10 -9.93
CA ARG A 840 11.01 4.97 -9.06
C ARG A 840 10.46 6.26 -8.58
N GLY A 841 11.27 7.30 -8.56
CA GLY A 841 10.78 8.60 -8.19
C GLY A 841 11.82 9.66 -8.50
N ILE A 842 11.34 10.83 -8.90
CA ILE A 842 12.19 11.99 -9.18
C ILE A 842 11.47 13.18 -8.64
N ARG A 843 12.07 13.80 -7.63
CA ARG A 843 11.49 14.92 -6.98
C ARG A 843 12.27 16.16 -7.34
N VAL A 844 11.55 17.26 -7.40
CA VAL A 844 12.14 18.55 -7.51
C VAL A 844 11.47 19.32 -6.41
N GLU A 845 12.24 19.69 -5.38
CA GLU A 845 11.66 20.22 -4.13
C GLU A 845 12.31 21.51 -3.73
N PRO A 846 11.51 22.42 -3.19
CA PRO A 846 12.11 23.61 -2.61
C PRO A 846 12.64 23.29 -1.21
N VAL A 847 13.85 23.67 -0.88
CA VAL A 847 14.45 23.27 0.37
C VAL A 847 15.20 24.42 1.00
N PHE A 848 14.88 24.75 2.25
CA PHE A 848 15.63 25.73 2.99
C PHE A 848 16.80 25.12 3.72
N ILE A 849 17.93 25.81 3.68
CA ILE A 849 19.16 25.41 4.30
C ILE A 849 19.70 26.50 5.24
N ALA A 850 20.06 26.10 6.46
CA ALA A 850 20.60 26.98 7.44
C ALA A 850 21.47 26.21 8.44
N GLU A 851 22.21 26.92 9.25
CA GLU A 851 22.97 26.33 10.35
C GLU A 851 21.95 25.76 11.34
N LYS A 852 21.97 24.46 11.60
CA LYS A 852 20.99 23.87 12.49
C LYS A 852 21.61 23.05 13.56
N GLU A 853 20.89 22.94 14.66
CA GLU A 853 21.43 22.27 15.83
C GLU A 853 21.03 20.85 15.74
N TYR A 854 21.92 19.92 16.07
CA TYR A 854 21.61 18.50 16.21
C TYR A 854 21.97 18.06 17.59
N LEU A 855 21.01 17.51 18.30
CA LEU A 855 21.26 16.94 19.64
C LEU A 855 21.93 15.58 19.48
N MET A 856 23.16 15.46 19.91
CA MET A 856 23.97 14.27 19.73
C MET A 856 23.87 13.34 20.89
N LEU A 857 23.63 13.90 22.08
CA LEU A 857 23.62 13.10 23.35
C LEU A 857 23.32 14.11 24.46
N GLU A 858 22.43 13.76 25.38
CA GLU A 858 22.27 14.53 26.62
C GLU A 858 22.71 13.63 27.77
N VAL A 859 23.58 14.13 28.65
CA VAL A 859 24.03 13.35 29.85
C VAL A 859 23.79 14.12 31.19
N SER A 860 23.61 13.38 32.29
CA SER A 860 23.33 14.03 33.58
C SER A 860 24.64 14.60 34.17
N ALA A 861 24.49 15.62 34.99
CA ALA A 861 25.58 16.07 35.85
C ALA A 861 25.45 15.28 37.16
N SER A 862 26.44 14.45 37.50
CA SER A 862 26.36 13.49 38.65
C SER A 862 25.71 12.12 38.33
#